data_1K37
# 
_entry.id   1K37 
# 
_audit_conform.dict_name       mmcif_pdbx.dic 
_audit_conform.dict_version    5.397 
_audit_conform.dict_location   http://mmcif.pdb.org/dictionaries/ascii/mmcif_pdbx.dic 
# 
loop_
_database_2.database_id 
_database_2.database_code 
_database_2.pdbx_database_accession 
_database_2.pdbx_DOI 
PDB   1K37         pdb_00001k37 10.2210/pdb1k37/pdb 
RCSB  RCSB014503   ?            ?                   
WWPDB D_1000014503 ?            ?                   
# 
loop_
_pdbx_audit_revision_history.ordinal 
_pdbx_audit_revision_history.data_content_type 
_pdbx_audit_revision_history.major_revision 
_pdbx_audit_revision_history.minor_revision 
_pdbx_audit_revision_history.revision_date 
1 'Structure model' 1 0 2003-09-30 
2 'Structure model' 1 1 2008-04-27 
3 'Structure model' 1 2 2011-07-13 
4 'Structure model' 1 3 2022-02-23 
5 'Structure model' 1 4 2024-10-23 
# 
_pdbx_audit_revision_details.ordinal             1 
_pdbx_audit_revision_details.revision_ordinal    1 
_pdbx_audit_revision_details.data_content_type   'Structure model' 
_pdbx_audit_revision_details.provider            repository 
_pdbx_audit_revision_details.type                'Initial release' 
_pdbx_audit_revision_details.description         ? 
_pdbx_audit_revision_details.details             ? 
# 
loop_
_pdbx_audit_revision_group.ordinal 
_pdbx_audit_revision_group.revision_ordinal 
_pdbx_audit_revision_group.data_content_type 
_pdbx_audit_revision_group.group 
1 2 'Structure model' 'Version format compliance' 
2 3 'Structure model' 'Version format compliance' 
3 4 'Structure model' 'Database references'       
4 4 'Structure model' 'Derived calculations'      
5 5 'Structure model' 'Data collection'           
6 5 'Structure model' 'Structure summary'         
# 
loop_
_pdbx_audit_revision_category.ordinal 
_pdbx_audit_revision_category.revision_ordinal 
_pdbx_audit_revision_category.data_content_type 
_pdbx_audit_revision_category.category 
1 4 'Structure model' database_2                
2 4 'Structure model' pdbx_struct_assembly      
3 4 'Structure model' pdbx_struct_oper_list     
4 5 'Structure model' chem_comp_atom            
5 5 'Structure model' chem_comp_bond            
6 5 'Structure model' pdbx_entry_details        
7 5 'Structure model' pdbx_modification_feature 
# 
loop_
_pdbx_audit_revision_item.ordinal 
_pdbx_audit_revision_item.revision_ordinal 
_pdbx_audit_revision_item.data_content_type 
_pdbx_audit_revision_item.item 
1 4 'Structure model' '_database_2.pdbx_DOI'                
2 4 'Structure model' '_database_2.pdbx_database_accession' 
# 
_pdbx_database_status.status_code                     REL 
_pdbx_database_status.entry_id                        1K37 
_pdbx_database_status.recvd_initial_deposition_date   2001-10-02 
_pdbx_database_status.deposit_site                    RCSB 
_pdbx_database_status.process_site                    PDBJ 
_pdbx_database_status.SG_entry                        . 
_pdbx_database_status.pdb_format_compatible           Y 
_pdbx_database_status.status_code_mr                  ? 
_pdbx_database_status.status_code_sf                  ? 
_pdbx_database_status.status_code_cs                  ? 
_pdbx_database_status.status_code_nmr_data            ? 
_pdbx_database_status.methods_development_category    ? 
# 
_pdbx_database_related.db_name        PDB 
_pdbx_database_related.db_id          1K36 
_pdbx_database_related.details        '1K36 is 40 ensemble structures of Epiregulin' 
_pdbx_database_related.content_type   unspecified 
# 
loop_
_audit_author.name 
_audit_author.pdbx_ordinal 
'Sato, K.'     1 
'Miura, K.'    2 
'Tada, M.'     3 
'Aizawa, T.'   4 
'Miyamoto, K.' 5 
'Kawano, K.'   6 
# 
_citation.id                        primary 
_citation.title                     
'Solution structure of epiregulin and the effect of its C-terminal domain for receptor binding affinity' 
_citation.journal_abbrev            'Febs Lett.' 
_citation.journal_volume            553 
_citation.page_first                232 
_citation.page_last                 238 
_citation.year                      2003 
_citation.journal_id_ASTM           FEBLAL 
_citation.country                   NE 
_citation.journal_id_ISSN           0014-5793 
_citation.journal_id_CSD            0165 
_citation.book_publisher            ? 
_citation.pdbx_database_id_PubMed   14572630 
_citation.pdbx_database_id_DOI      '10.1016/S0014-5793(03)01005-6' 
# 
loop_
_citation_author.citation_id 
_citation_author.name 
_citation_author.ordinal 
_citation_author.identifier_ORCID 
primary 'Sato, K.'      1 ? 
primary 'Nakamura, T.'  2 ? 
primary 'Mizuguchi, M.' 3 ? 
primary 'Miura, K.'     4 ? 
primary 'Tada, M.'      5 ? 
primary 'Aizawa, T.'    6 ? 
primary 'Gomi, T.'      7 ? 
primary 'Miyamoto, K.'  8 ? 
primary 'Kawano, K.'    9 ? 
# 
_entity.id                         1 
_entity.type                       polymer 
_entity.src_method                 man 
_entity.pdbx_description           Epiregulin 
_entity.formula_weight             5280.072 
_entity.pdbx_number_of_molecules   1 
_entity.pdbx_ec                    ? 
_entity.pdbx_mutation              ? 
_entity.pdbx_fragment              'residues 1-46' 
_entity.details                    ? 
# 
_entity_poly.entity_id                      1 
_entity_poly.type                           'polypeptide(L)' 
_entity_poly.nstd_linkage                   no 
_entity_poly.nstd_monomer                   no 
_entity_poly.pdbx_seq_one_letter_code       VSITKCSSDMNGYCLHGQCIYLVDMSQNYCRCEVGYTGVRCEHFFL 
_entity_poly.pdbx_seq_one_letter_code_can   VSITKCSSDMNGYCLHGQCIYLVDMSQNYCRCEVGYTGVRCEHFFL 
_entity_poly.pdbx_strand_id                 A 
_entity_poly.pdbx_target_identifier         ? 
# 
loop_
_entity_poly_seq.entity_id 
_entity_poly_seq.num 
_entity_poly_seq.mon_id 
_entity_poly_seq.hetero 
1 1  VAL n 
1 2  SER n 
1 3  ILE n 
1 4  THR n 
1 5  LYS n 
1 6  CYS n 
1 7  SER n 
1 8  SER n 
1 9  ASP n 
1 10 MET n 
1 11 ASN n 
1 12 GLY n 
1 13 TYR n 
1 14 CYS n 
1 15 LEU n 
1 16 HIS n 
1 17 GLY n 
1 18 GLN n 
1 19 CYS n 
1 20 ILE n 
1 21 TYR n 
1 22 LEU n 
1 23 VAL n 
1 24 ASP n 
1 25 MET n 
1 26 SER n 
1 27 GLN n 
1 28 ASN n 
1 29 TYR n 
1 30 CYS n 
1 31 ARG n 
1 32 CYS n 
1 33 GLU n 
1 34 VAL n 
1 35 GLY n 
1 36 TYR n 
1 37 THR n 
1 38 GLY n 
1 39 VAL n 
1 40 ARG n 
1 41 CYS n 
1 42 GLU n 
1 43 HIS n 
1 44 PHE n 
1 45 PHE n 
1 46 LEU n 
# 
_entity_src_gen.entity_id                          1 
_entity_src_gen.pdbx_src_id                        1 
_entity_src_gen.pdbx_alt_source_flag               sample 
_entity_src_gen.pdbx_seq_type                      ? 
_entity_src_gen.pdbx_beg_seq_num                   ? 
_entity_src_gen.pdbx_end_seq_num                   ? 
_entity_src_gen.gene_src_common_name               human 
_entity_src_gen.gene_src_genus                     Homo 
_entity_src_gen.pdbx_gene_src_gene                 ? 
_entity_src_gen.gene_src_species                   ? 
_entity_src_gen.gene_src_strain                    ? 
_entity_src_gen.gene_src_tissue                    ? 
_entity_src_gen.gene_src_tissue_fraction           ? 
_entity_src_gen.gene_src_details                   ? 
_entity_src_gen.pdbx_gene_src_fragment             ? 
_entity_src_gen.pdbx_gene_src_scientific_name      'Homo sapiens' 
_entity_src_gen.pdbx_gene_src_ncbi_taxonomy_id     9606 
_entity_src_gen.pdbx_gene_src_variant              ? 
_entity_src_gen.pdbx_gene_src_cell_line            ? 
_entity_src_gen.pdbx_gene_src_atcc                 ? 
_entity_src_gen.pdbx_gene_src_organ                ? 
_entity_src_gen.pdbx_gene_src_organelle            ? 
_entity_src_gen.pdbx_gene_src_cell                 ? 
_entity_src_gen.pdbx_gene_src_cellular_location    ? 
_entity_src_gen.host_org_common_name               ? 
_entity_src_gen.pdbx_host_org_scientific_name      'Escherichia coli' 
_entity_src_gen.pdbx_host_org_ncbi_taxonomy_id     562 
_entity_src_gen.host_org_genus                     Escherichia 
_entity_src_gen.pdbx_host_org_gene                 ? 
_entity_src_gen.pdbx_host_org_organ                ? 
_entity_src_gen.host_org_species                   ? 
_entity_src_gen.pdbx_host_org_tissue               ? 
_entity_src_gen.pdbx_host_org_tissue_fraction      ? 
_entity_src_gen.pdbx_host_org_strain               AD494 
_entity_src_gen.pdbx_host_org_variant              ? 
_entity_src_gen.pdbx_host_org_cell_line            ? 
_entity_src_gen.pdbx_host_org_atcc                 ? 
_entity_src_gen.pdbx_host_org_culture_collection   ? 
_entity_src_gen.pdbx_host_org_cell                 ? 
_entity_src_gen.pdbx_host_org_organelle            ? 
_entity_src_gen.pdbx_host_org_cellular_location    ? 
_entity_src_gen.pdbx_host_org_vector_type          PLASMID 
_entity_src_gen.pdbx_host_org_vector               ? 
_entity_src_gen.host_org_details                   ? 
_entity_src_gen.expression_system_id               ? 
_entity_src_gen.plasmid_name                       pET32a 
_entity_src_gen.plasmid_details                    ? 
_entity_src_gen.pdbx_description                   ? 
# 
loop_
_chem_comp.id 
_chem_comp.type 
_chem_comp.mon_nstd_flag 
_chem_comp.name 
_chem_comp.pdbx_synonyms 
_chem_comp.formula 
_chem_comp.formula_weight 
ARG 'L-peptide linking' y ARGININE        ? 'C6 H15 N4 O2 1' 175.209 
ASN 'L-peptide linking' y ASPARAGINE      ? 'C4 H8 N2 O3'    132.118 
ASP 'L-peptide linking' y 'ASPARTIC ACID' ? 'C4 H7 N O4'     133.103 
CYS 'L-peptide linking' y CYSTEINE        ? 'C3 H7 N O2 S'   121.158 
GLN 'L-peptide linking' y GLUTAMINE       ? 'C5 H10 N2 O3'   146.144 
GLU 'L-peptide linking' y 'GLUTAMIC ACID' ? 'C5 H9 N O4'     147.129 
GLY 'peptide linking'   y GLYCINE         ? 'C2 H5 N O2'     75.067  
HIS 'L-peptide linking' y HISTIDINE       ? 'C6 H10 N3 O2 1' 156.162 
ILE 'L-peptide linking' y ISOLEUCINE      ? 'C6 H13 N O2'    131.173 
LEU 'L-peptide linking' y LEUCINE         ? 'C6 H13 N O2'    131.173 
LYS 'L-peptide linking' y LYSINE          ? 'C6 H15 N2 O2 1' 147.195 
MET 'L-peptide linking' y METHIONINE      ? 'C5 H11 N O2 S'  149.211 
PHE 'L-peptide linking' y PHENYLALANINE   ? 'C9 H11 N O2'    165.189 
SER 'L-peptide linking' y SERINE          ? 'C3 H7 N O3'     105.093 
THR 'L-peptide linking' y THREONINE       ? 'C4 H9 N O3'     119.119 
TYR 'L-peptide linking' y TYROSINE        ? 'C9 H11 N O3'    181.189 
VAL 'L-peptide linking' y VALINE          ? 'C5 H11 N O2'    117.146 
# 
loop_
_pdbx_poly_seq_scheme.asym_id 
_pdbx_poly_seq_scheme.entity_id 
_pdbx_poly_seq_scheme.seq_id 
_pdbx_poly_seq_scheme.mon_id 
_pdbx_poly_seq_scheme.ndb_seq_num 
_pdbx_poly_seq_scheme.pdb_seq_num 
_pdbx_poly_seq_scheme.auth_seq_num 
_pdbx_poly_seq_scheme.pdb_mon_id 
_pdbx_poly_seq_scheme.auth_mon_id 
_pdbx_poly_seq_scheme.pdb_strand_id 
_pdbx_poly_seq_scheme.pdb_ins_code 
_pdbx_poly_seq_scheme.hetero 
A 1 1  VAL 1  1  1  VAL VAL A . n 
A 1 2  SER 2  2  2  SER SER A . n 
A 1 3  ILE 3  3  3  ILE ILE A . n 
A 1 4  THR 4  4  4  THR THR A . n 
A 1 5  LYS 5  5  5  LYS LYS A . n 
A 1 6  CYS 6  6  6  CYS CYS A . n 
A 1 7  SER 7  7  7  SER SER A . n 
A 1 8  SER 8  8  8  SER SER A . n 
A 1 9  ASP 9  9  9  ASP ASP A . n 
A 1 10 MET 10 10 10 MET MET A . n 
A 1 11 ASN 11 11 11 ASN ASN A . n 
A 1 12 GLY 12 12 12 GLY GLY A . n 
A 1 13 TYR 13 13 13 TYR TYR A . n 
A 1 14 CYS 14 14 14 CYS CYS A . n 
A 1 15 LEU 15 15 15 LEU LEU A . n 
A 1 16 HIS 16 16 16 HIS HIS A . n 
A 1 17 GLY 17 17 17 GLY GLY A . n 
A 1 18 GLN 18 18 18 GLN GLN A . n 
A 1 19 CYS 19 19 19 CYS CYS A . n 
A 1 20 ILE 20 20 20 ILE ILE A . n 
A 1 21 TYR 21 21 21 TYR TYR A . n 
A 1 22 LEU 22 22 22 LEU LEU A . n 
A 1 23 VAL 23 23 23 VAL VAL A . n 
A 1 24 ASP 24 24 24 ASP ASP A . n 
A 1 25 MET 25 25 25 MET MET A . n 
A 1 26 SER 26 26 26 SER SER A . n 
A 1 27 GLN 27 27 27 GLN GLN A . n 
A 1 28 ASN 28 28 28 ASN ASN A . n 
A 1 29 TYR 29 29 29 TYR TYR A . n 
A 1 30 CYS 30 30 30 CYS CYS A . n 
A 1 31 ARG 31 31 31 ARG ARG A . n 
A 1 32 CYS 32 32 32 CYS CYS A . n 
A 1 33 GLU 33 33 33 GLU GLU A . n 
A 1 34 VAL 34 34 34 VAL VAL A . n 
A 1 35 GLY 35 35 35 GLY GLY A . n 
A 1 36 TYR 36 36 36 TYR TYR A . n 
A 1 37 THR 37 37 37 THR THR A . n 
A 1 38 GLY 38 38 38 GLY GLY A . n 
A 1 39 VAL 39 39 39 VAL VAL A . n 
A 1 40 ARG 40 40 40 ARG ARG A . n 
A 1 41 CYS 41 41 41 CYS CYS A . n 
A 1 42 GLU 42 42 42 GLU GLU A . n 
A 1 43 HIS 43 43 43 HIS HIS A . n 
A 1 44 PHE 44 44 44 PHE PHE A . n 
A 1 45 PHE 45 45 45 PHE PHE A . n 
A 1 46 LEU 46 46 46 LEU LEU A . n 
# 
_exptl.entry_id          1K37 
_exptl.method            'SOLUTION NMR' 
_exptl.crystals_number   ? 
# 
_exptl_crystal.id                    1 
_exptl_crystal.density_meas          ? 
_exptl_crystal.density_Matthews      ? 
_exptl_crystal.density_percent_sol   ? 
_exptl_crystal.description           ? 
# 
_diffrn.id                     1 
_diffrn.ambient_temp           ? 
_diffrn.ambient_temp_details   ? 
_diffrn.crystal_id             1 
# 
_diffrn_radiation.diffrn_id                        1 
_diffrn_radiation.wavelength_id                    1 
_diffrn_radiation.pdbx_monochromatic_or_laue_m_l   M 
_diffrn_radiation.monochromator                    ? 
_diffrn_radiation.pdbx_diffrn_protocol             'SINGLE WAVELENGTH' 
_diffrn_radiation.pdbx_scattering_type             ? 
# 
_diffrn_radiation_wavelength.id           1 
_diffrn_radiation_wavelength.wavelength   . 
_diffrn_radiation_wavelength.wt           1.0 
# 
_struct.entry_id                  1K37 
_struct.title                     'NMR Structure of human Epiregulin' 
_struct.pdbx_model_details        ? 
_struct.pdbx_CASP_flag            ? 
_struct.pdbx_model_type_details   'minimized average' 
# 
_struct_keywords.entry_id        1K37 
_struct_keywords.pdbx_keywords   'HORMONE/GROWTH FACTOR' 
_struct_keywords.text            'EGF-like fold, HORMONE-GROWTH FACTOR COMPLEX' 
# 
_struct_asym.id                            A 
_struct_asym.pdbx_blank_PDB_chainid_flag   N 
_struct_asym.pdbx_modified                 N 
_struct_asym.entity_id                     1 
_struct_asym.details                       ? 
# 
_struct_ref.id                         1 
_struct_ref.db_name                    UNP 
_struct_ref.db_code                    EREG_HUMAN 
_struct_ref.entity_id                  1 
_struct_ref.pdbx_seq_one_letter_code   VSITKCSSDMNGYCLHGQCIYLVDMSQNYCRCEVGYTGVRCEHFFL 
_struct_ref.pdbx_align_begin           63 
_struct_ref.pdbx_db_accession          O14944 
_struct_ref.pdbx_db_isoform            ? 
# 
_struct_ref_seq.align_id                      1 
_struct_ref_seq.ref_id                        1 
_struct_ref_seq.pdbx_PDB_id_code              1K37 
_struct_ref_seq.pdbx_strand_id                A 
_struct_ref_seq.seq_align_beg                 1 
_struct_ref_seq.pdbx_seq_align_beg_ins_code   ? 
_struct_ref_seq.seq_align_end                 46 
_struct_ref_seq.pdbx_seq_align_end_ins_code   ? 
_struct_ref_seq.pdbx_db_accession             O14944 
_struct_ref_seq.db_align_beg                  63 
_struct_ref_seq.pdbx_db_align_beg_ins_code    ? 
_struct_ref_seq.db_align_end                  108 
_struct_ref_seq.pdbx_db_align_end_ins_code    ? 
_struct_ref_seq.pdbx_auth_seq_align_beg       1 
_struct_ref_seq.pdbx_auth_seq_align_end       46 
# 
_pdbx_struct_assembly.id                   1 
_pdbx_struct_assembly.details              author_defined_assembly 
_pdbx_struct_assembly.method_details       ? 
_pdbx_struct_assembly.oligomeric_details   monomeric 
_pdbx_struct_assembly.oligomeric_count     1 
# 
_pdbx_struct_assembly_gen.assembly_id       1 
_pdbx_struct_assembly_gen.oper_expression   1 
_pdbx_struct_assembly_gen.asym_id_list      A 
# 
_pdbx_struct_oper_list.id                   1 
_pdbx_struct_oper_list.type                 'identity operation' 
_pdbx_struct_oper_list.name                 1_555 
_pdbx_struct_oper_list.symmetry_operation   x,y,z 
_pdbx_struct_oper_list.matrix[1][1]         1.0000000000 
_pdbx_struct_oper_list.matrix[1][2]         0.0000000000 
_pdbx_struct_oper_list.matrix[1][3]         0.0000000000 
_pdbx_struct_oper_list.vector[1]            0.0000000000 
_pdbx_struct_oper_list.matrix[2][1]         0.0000000000 
_pdbx_struct_oper_list.matrix[2][2]         1.0000000000 
_pdbx_struct_oper_list.matrix[2][3]         0.0000000000 
_pdbx_struct_oper_list.vector[2]            0.0000000000 
_pdbx_struct_oper_list.matrix[3][1]         0.0000000000 
_pdbx_struct_oper_list.matrix[3][2]         0.0000000000 
_pdbx_struct_oper_list.matrix[3][3]         1.0000000000 
_pdbx_struct_oper_list.vector[3]            0.0000000000 
# 
_struct_biol.id   1 
# 
_struct_conf.conf_type_id            HELX_P 
_struct_conf.id                      HELX_P1 
_struct_conf.pdbx_PDB_helix_id       1 
_struct_conf.beg_label_comp_id       SER 
_struct_conf.beg_label_asym_id       A 
_struct_conf.beg_label_seq_id        7 
_struct_conf.pdbx_beg_PDB_ins_code   ? 
_struct_conf.end_label_comp_id       ASN 
_struct_conf.end_label_asym_id       A 
_struct_conf.end_label_seq_id        11 
_struct_conf.pdbx_end_PDB_ins_code   ? 
_struct_conf.beg_auth_comp_id        SER 
_struct_conf.beg_auth_asym_id        A 
_struct_conf.beg_auth_seq_id         7 
_struct_conf.end_auth_comp_id        ASN 
_struct_conf.end_auth_asym_id        A 
_struct_conf.end_auth_seq_id         11 
_struct_conf.pdbx_PDB_helix_class    5 
_struct_conf.details                 ? 
_struct_conf.pdbx_PDB_helix_length   5 
# 
_struct_conf_type.id          HELX_P 
_struct_conf_type.criteria    ? 
_struct_conf_type.reference   ? 
# 
loop_
_struct_conn.id 
_struct_conn.conn_type_id 
_struct_conn.pdbx_leaving_atom_flag 
_struct_conn.pdbx_PDB_id 
_struct_conn.ptnr1_label_asym_id 
_struct_conn.ptnr1_label_comp_id 
_struct_conn.ptnr1_label_seq_id 
_struct_conn.ptnr1_label_atom_id 
_struct_conn.pdbx_ptnr1_label_alt_id 
_struct_conn.pdbx_ptnr1_PDB_ins_code 
_struct_conn.pdbx_ptnr1_standard_comp_id 
_struct_conn.ptnr1_symmetry 
_struct_conn.ptnr2_label_asym_id 
_struct_conn.ptnr2_label_comp_id 
_struct_conn.ptnr2_label_seq_id 
_struct_conn.ptnr2_label_atom_id 
_struct_conn.pdbx_ptnr2_label_alt_id 
_struct_conn.pdbx_ptnr2_PDB_ins_code 
_struct_conn.ptnr1_auth_asym_id 
_struct_conn.ptnr1_auth_comp_id 
_struct_conn.ptnr1_auth_seq_id 
_struct_conn.ptnr2_auth_asym_id 
_struct_conn.ptnr2_auth_comp_id 
_struct_conn.ptnr2_auth_seq_id 
_struct_conn.ptnr2_symmetry 
_struct_conn.pdbx_ptnr3_label_atom_id 
_struct_conn.pdbx_ptnr3_label_seq_id 
_struct_conn.pdbx_ptnr3_label_comp_id 
_struct_conn.pdbx_ptnr3_label_asym_id 
_struct_conn.pdbx_ptnr3_label_alt_id 
_struct_conn.pdbx_ptnr3_PDB_ins_code 
_struct_conn.details 
_struct_conn.pdbx_dist_value 
_struct_conn.pdbx_value_order 
_struct_conn.pdbx_role 
disulf1 disulf ? ? A CYS 6  SG ? ? ? 1_555 A CYS 19 SG ? ? A CYS 6  A CYS 19 1_555 ? ? ? ? ? ? ? 2.587 ? ? 
disulf2 disulf ? ? A CYS 14 SG ? ? ? 1_555 A CYS 30 SG ? ? A CYS 14 A CYS 30 1_555 ? ? ? ? ? ? ? 2.594 ? ? 
disulf3 disulf ? ? A CYS 32 SG ? ? ? 1_555 A CYS 41 SG ? ? A CYS 32 A CYS 41 1_555 ? ? ? ? ? ? ? 2.585 ? ? 
# 
_struct_conn_type.id          disulf 
_struct_conn_type.criteria    ? 
_struct_conn_type.reference   ? 
# 
loop_
_pdbx_modification_feature.ordinal 
_pdbx_modification_feature.label_comp_id 
_pdbx_modification_feature.label_asym_id 
_pdbx_modification_feature.label_seq_id 
_pdbx_modification_feature.label_alt_id 
_pdbx_modification_feature.modified_residue_label_comp_id 
_pdbx_modification_feature.modified_residue_label_asym_id 
_pdbx_modification_feature.modified_residue_label_seq_id 
_pdbx_modification_feature.modified_residue_label_alt_id 
_pdbx_modification_feature.auth_comp_id 
_pdbx_modification_feature.auth_asym_id 
_pdbx_modification_feature.auth_seq_id 
_pdbx_modification_feature.PDB_ins_code 
_pdbx_modification_feature.symmetry 
_pdbx_modification_feature.modified_residue_auth_comp_id 
_pdbx_modification_feature.modified_residue_auth_asym_id 
_pdbx_modification_feature.modified_residue_auth_seq_id 
_pdbx_modification_feature.modified_residue_PDB_ins_code 
_pdbx_modification_feature.modified_residue_symmetry 
_pdbx_modification_feature.comp_id_linking_atom 
_pdbx_modification_feature.modified_residue_id_linking_atom 
_pdbx_modification_feature.modified_residue_id 
_pdbx_modification_feature.ref_pcm_id 
_pdbx_modification_feature.ref_comp_id 
_pdbx_modification_feature.type 
_pdbx_modification_feature.category 
1 CYS A 6  ? CYS A 19 ? CYS A 6  ? 1_555 CYS A 19 ? 1_555 SG SG . . . None 'Disulfide bridge' 
2 CYS A 14 ? CYS A 30 ? CYS A 14 ? 1_555 CYS A 30 ? 1_555 SG SG . . . None 'Disulfide bridge' 
3 CYS A 32 ? CYS A 41 ? CYS A 32 ? 1_555 CYS A 41 ? 1_555 SG SG . . . None 'Disulfide bridge' 
# 
_struct_sheet.id               A 
_struct_sheet.type             ? 
_struct_sheet.number_strands   3 
_struct_sheet.details          ? 
# 
loop_
_struct_sheet_order.sheet_id 
_struct_sheet_order.range_id_1 
_struct_sheet_order.range_id_2 
_struct_sheet_order.offset 
_struct_sheet_order.sense 
A 1 2 ? anti-parallel 
A 2 3 ? anti-parallel 
# 
loop_
_struct_sheet_range.sheet_id 
_struct_sheet_range.id 
_struct_sheet_range.beg_label_comp_id 
_struct_sheet_range.beg_label_asym_id 
_struct_sheet_range.beg_label_seq_id 
_struct_sheet_range.pdbx_beg_PDB_ins_code 
_struct_sheet_range.end_label_comp_id 
_struct_sheet_range.end_label_asym_id 
_struct_sheet_range.end_label_seq_id 
_struct_sheet_range.pdbx_end_PDB_ins_code 
_struct_sheet_range.beg_auth_comp_id 
_struct_sheet_range.beg_auth_asym_id 
_struct_sheet_range.beg_auth_seq_id 
_struct_sheet_range.end_auth_comp_id 
_struct_sheet_range.end_auth_asym_id 
_struct_sheet_range.end_auth_seq_id 
A 1 THR A 4  ? LYS A 5  ? THR A 4  LYS A 5  
A 2 GLY A 17 ? LEU A 22 ? GLY A 17 LEU A 22 
A 3 GLN A 27 ? CYS A 32 ? GLN A 27 CYS A 32 
# 
loop_
_pdbx_struct_sheet_hbond.sheet_id 
_pdbx_struct_sheet_hbond.range_id_1 
_pdbx_struct_sheet_hbond.range_id_2 
_pdbx_struct_sheet_hbond.range_1_label_atom_id 
_pdbx_struct_sheet_hbond.range_1_label_comp_id 
_pdbx_struct_sheet_hbond.range_1_label_asym_id 
_pdbx_struct_sheet_hbond.range_1_label_seq_id 
_pdbx_struct_sheet_hbond.range_1_PDB_ins_code 
_pdbx_struct_sheet_hbond.range_1_auth_atom_id 
_pdbx_struct_sheet_hbond.range_1_auth_comp_id 
_pdbx_struct_sheet_hbond.range_1_auth_asym_id 
_pdbx_struct_sheet_hbond.range_1_auth_seq_id 
_pdbx_struct_sheet_hbond.range_2_label_atom_id 
_pdbx_struct_sheet_hbond.range_2_label_comp_id 
_pdbx_struct_sheet_hbond.range_2_label_asym_id 
_pdbx_struct_sheet_hbond.range_2_label_seq_id 
_pdbx_struct_sheet_hbond.range_2_PDB_ins_code 
_pdbx_struct_sheet_hbond.range_2_auth_atom_id 
_pdbx_struct_sheet_hbond.range_2_auth_comp_id 
_pdbx_struct_sheet_hbond.range_2_auth_asym_id 
_pdbx_struct_sheet_hbond.range_2_auth_seq_id 
A 1 2 N THR A 4  ? N THR A 4  O TYR A 21 ? O TYR A 21 
A 2 3 N ILE A 20 ? N ILE A 20 O TYR A 29 ? O TYR A 29 
# 
_pdbx_entry_details.entry_id                   1K37 
_pdbx_entry_details.compound_details           ? 
_pdbx_entry_details.source_details             ? 
_pdbx_entry_details.nonpolymer_details         ? 
_pdbx_entry_details.sequence_details           ? 
_pdbx_entry_details.has_ligand_of_interest     ? 
_pdbx_entry_details.has_protein_modification   Y 
# 
loop_
_pdbx_validate_torsion.id 
_pdbx_validate_torsion.PDB_model_num 
_pdbx_validate_torsion.auth_comp_id 
_pdbx_validate_torsion.auth_asym_id 
_pdbx_validate_torsion.auth_seq_id 
_pdbx_validate_torsion.PDB_ins_code 
_pdbx_validate_torsion.label_alt_id 
_pdbx_validate_torsion.phi 
_pdbx_validate_torsion.psi 
1 1 SER A 7  ? ? -107.16 -166.29 
2 1 ASP A 9  ? ? -95.08  35.38   
3 1 TYR A 13 ? ? -158.65 -62.16  
4 1 SER A 26 ? ? -28.55  94.82   
5 1 THR A 37 ? ? -108.92 40.89   
6 1 CYS A 41 ? ? 32.65   82.75   
7 1 GLU A 42 ? ? -143.85 -34.14  
# 
loop_
_pdbx_validate_planes.id 
_pdbx_validate_planes.PDB_model_num 
_pdbx_validate_planes.auth_comp_id 
_pdbx_validate_planes.auth_asym_id 
_pdbx_validate_planes.auth_seq_id 
_pdbx_validate_planes.PDB_ins_code 
_pdbx_validate_planes.label_alt_id 
_pdbx_validate_planes.rmsd 
_pdbx_validate_planes.type 
1 1 ARG A 31 ? ? 0.305 'SIDE CHAIN' 
2 1 ARG A 40 ? ? 0.250 'SIDE CHAIN' 
# 
_pdbx_nmr_ensemble.entry_id                                      1K37 
_pdbx_nmr_ensemble.conformers_calculated_total_number            50 
_pdbx_nmr_ensemble.conformers_submitted_total_number             1 
_pdbx_nmr_ensemble.conformer_selection_criteria                  'structures with the lowest energy' 
_pdbx_nmr_ensemble.average_constraints_per_residue               ? 
_pdbx_nmr_ensemble.average_constraint_violations_per_residue     ? 
_pdbx_nmr_ensemble.maximum_distance_constraint_violation         ? 
_pdbx_nmr_ensemble.average_distance_constraint_violation         ? 
_pdbx_nmr_ensemble.maximum_upper_distance_constraint_violation   ? 
_pdbx_nmr_ensemble.maximum_lower_distance_constraint_violation   ? 
_pdbx_nmr_ensemble.distance_constraint_violation_method          ? 
_pdbx_nmr_ensemble.maximum_torsion_angle_constraint_violation    ? 
_pdbx_nmr_ensemble.average_torsion_angle_constraint_violation    ? 
_pdbx_nmr_ensemble.torsion_angle_constraint_violation_method     ? 
# 
_pdbx_nmr_representative.entry_id             1K37 
_pdbx_nmr_representative.conformer_id         1 
_pdbx_nmr_representative.selection_criteria   'minimized average structure' 
# 
loop_
_pdbx_nmr_sample_details.solution_id 
_pdbx_nmr_sample_details.contents 
_pdbx_nmr_sample_details.solvent_system 
1 '1.5mM Epiregulin, 90% H2O, 10% D2O' '90% H2O/10% D2O' 
2 '1.5mM Epiregulin, 100% D2O'         '100% D2O'        
# 
loop_
_pdbx_nmr_exptl_sample_conditions.conditions_id 
_pdbx_nmr_exptl_sample_conditions.temperature 
_pdbx_nmr_exptl_sample_conditions.pressure 
_pdbx_nmr_exptl_sample_conditions.pH 
_pdbx_nmr_exptl_sample_conditions.ionic_strength 
_pdbx_nmr_exptl_sample_conditions.pressure_units 
_pdbx_nmr_exptl_sample_conditions.temperature_units 
1 303 1 3.4 0 atm K 
2 303 1 3.4 0 atm K 
# 
loop_
_pdbx_nmr_exptl.experiment_id 
_pdbx_nmr_exptl.solution_id 
_pdbx_nmr_exptl.conditions_id 
_pdbx_nmr_exptl.type 
1 1 1 '2D NOESY' 
2 1 1 DQF-COSY   
3 1 1 '2D TOCSY' 
4 2 2 '2D NOESY' 
5 2 2 DQF-COSY   
6 2 2 '2D TOCSY' 
# 
_pdbx_nmr_details.entry_id   1K37 
_pdbx_nmr_details.text       'This structure was determined using standard 2D homonuclear techniques.' 
# 
_pdbx_nmr_refine.entry_id           1K37 
_pdbx_nmr_refine.method             'distance geometry simulated annealing' 
_pdbx_nmr_refine.details            
;the structures are based on a total of 604 restraints, 556 are NOE-derived distance constraints, 38 dihedral angle restraints, 10 distance restraints from hydrogen bonds.
;
_pdbx_nmr_refine.software_ordinal   1 
# 
loop_
_pdbx_nmr_software.name 
_pdbx_nmr_software.version 
_pdbx_nmr_software.classification 
_pdbx_nmr_software.authors 
_pdbx_nmr_software.ordinal 
X-PLOR 3.1 'structure solution' Brunger 1 
X-PLOR 3.1 refinement           Brunger 2 
# 
loop_
_chem_comp_atom.comp_id 
_chem_comp_atom.atom_id 
_chem_comp_atom.type_symbol 
_chem_comp_atom.pdbx_aromatic_flag 
_chem_comp_atom.pdbx_stereo_config 
_chem_comp_atom.pdbx_ordinal 
ARG N    N N N 1   
ARG CA   C N S 2   
ARG C    C N N 3   
ARG O    O N N 4   
ARG CB   C N N 5   
ARG CG   C N N 6   
ARG CD   C N N 7   
ARG NE   N N N 8   
ARG CZ   C N N 9   
ARG NH1  N N N 10  
ARG NH2  N N N 11  
ARG OXT  O N N 12  
ARG H    H N N 13  
ARG H2   H N N 14  
ARG HA   H N N 15  
ARG HB2  H N N 16  
ARG HB3  H N N 17  
ARG HG2  H N N 18  
ARG HG3  H N N 19  
ARG HD2  H N N 20  
ARG HD3  H N N 21  
ARG HE   H N N 22  
ARG HH11 H N N 23  
ARG HH12 H N N 24  
ARG HH21 H N N 25  
ARG HH22 H N N 26  
ARG HXT  H N N 27  
ASN N    N N N 28  
ASN CA   C N S 29  
ASN C    C N N 30  
ASN O    O N N 31  
ASN CB   C N N 32  
ASN CG   C N N 33  
ASN OD1  O N N 34  
ASN ND2  N N N 35  
ASN OXT  O N N 36  
ASN H    H N N 37  
ASN H2   H N N 38  
ASN HA   H N N 39  
ASN HB2  H N N 40  
ASN HB3  H N N 41  
ASN HD21 H N N 42  
ASN HD22 H N N 43  
ASN HXT  H N N 44  
ASP N    N N N 45  
ASP CA   C N S 46  
ASP C    C N N 47  
ASP O    O N N 48  
ASP CB   C N N 49  
ASP CG   C N N 50  
ASP OD1  O N N 51  
ASP OD2  O N N 52  
ASP OXT  O N N 53  
ASP H    H N N 54  
ASP H2   H N N 55  
ASP HA   H N N 56  
ASP HB2  H N N 57  
ASP HB3  H N N 58  
ASP HD2  H N N 59  
ASP HXT  H N N 60  
CYS N    N N N 61  
CYS CA   C N R 62  
CYS C    C N N 63  
CYS O    O N N 64  
CYS CB   C N N 65  
CYS SG   S N N 66  
CYS OXT  O N N 67  
CYS H    H N N 68  
CYS H2   H N N 69  
CYS HA   H N N 70  
CYS HB2  H N N 71  
CYS HB3  H N N 72  
CYS HG   H N N 73  
CYS HXT  H N N 74  
GLN N    N N N 75  
GLN CA   C N S 76  
GLN C    C N N 77  
GLN O    O N N 78  
GLN CB   C N N 79  
GLN CG   C N N 80  
GLN CD   C N N 81  
GLN OE1  O N N 82  
GLN NE2  N N N 83  
GLN OXT  O N N 84  
GLN H    H N N 85  
GLN H2   H N N 86  
GLN HA   H N N 87  
GLN HB2  H N N 88  
GLN HB3  H N N 89  
GLN HG2  H N N 90  
GLN HG3  H N N 91  
GLN HE21 H N N 92  
GLN HE22 H N N 93  
GLN HXT  H N N 94  
GLU N    N N N 95  
GLU CA   C N S 96  
GLU C    C N N 97  
GLU O    O N N 98  
GLU CB   C N N 99  
GLU CG   C N N 100 
GLU CD   C N N 101 
GLU OE1  O N N 102 
GLU OE2  O N N 103 
GLU OXT  O N N 104 
GLU H    H N N 105 
GLU H2   H N N 106 
GLU HA   H N N 107 
GLU HB2  H N N 108 
GLU HB3  H N N 109 
GLU HG2  H N N 110 
GLU HG3  H N N 111 
GLU HE2  H N N 112 
GLU HXT  H N N 113 
GLY N    N N N 114 
GLY CA   C N N 115 
GLY C    C N N 116 
GLY O    O N N 117 
GLY OXT  O N N 118 
GLY H    H N N 119 
GLY H2   H N N 120 
GLY HA2  H N N 121 
GLY HA3  H N N 122 
GLY HXT  H N N 123 
HIS N    N N N 124 
HIS CA   C N S 125 
HIS C    C N N 126 
HIS O    O N N 127 
HIS CB   C N N 128 
HIS CG   C Y N 129 
HIS ND1  N Y N 130 
HIS CD2  C Y N 131 
HIS CE1  C Y N 132 
HIS NE2  N Y N 133 
HIS OXT  O N N 134 
HIS H    H N N 135 
HIS H2   H N N 136 
HIS HA   H N N 137 
HIS HB2  H N N 138 
HIS HB3  H N N 139 
HIS HD1  H N N 140 
HIS HD2  H N N 141 
HIS HE1  H N N 142 
HIS HE2  H N N 143 
HIS HXT  H N N 144 
ILE N    N N N 145 
ILE CA   C N S 146 
ILE C    C N N 147 
ILE O    O N N 148 
ILE CB   C N S 149 
ILE CG1  C N N 150 
ILE CG2  C N N 151 
ILE CD1  C N N 152 
ILE OXT  O N N 153 
ILE H    H N N 154 
ILE H2   H N N 155 
ILE HA   H N N 156 
ILE HB   H N N 157 
ILE HG12 H N N 158 
ILE HG13 H N N 159 
ILE HG21 H N N 160 
ILE HG22 H N N 161 
ILE HG23 H N N 162 
ILE HD11 H N N 163 
ILE HD12 H N N 164 
ILE HD13 H N N 165 
ILE HXT  H N N 166 
LEU N    N N N 167 
LEU CA   C N S 168 
LEU C    C N N 169 
LEU O    O N N 170 
LEU CB   C N N 171 
LEU CG   C N N 172 
LEU CD1  C N N 173 
LEU CD2  C N N 174 
LEU OXT  O N N 175 
LEU H    H N N 176 
LEU H2   H N N 177 
LEU HA   H N N 178 
LEU HB2  H N N 179 
LEU HB3  H N N 180 
LEU HG   H N N 181 
LEU HD11 H N N 182 
LEU HD12 H N N 183 
LEU HD13 H N N 184 
LEU HD21 H N N 185 
LEU HD22 H N N 186 
LEU HD23 H N N 187 
LEU HXT  H N N 188 
LYS N    N N N 189 
LYS CA   C N S 190 
LYS C    C N N 191 
LYS O    O N N 192 
LYS CB   C N N 193 
LYS CG   C N N 194 
LYS CD   C N N 195 
LYS CE   C N N 196 
LYS NZ   N N N 197 
LYS OXT  O N N 198 
LYS H    H N N 199 
LYS H2   H N N 200 
LYS HA   H N N 201 
LYS HB2  H N N 202 
LYS HB3  H N N 203 
LYS HG2  H N N 204 
LYS HG3  H N N 205 
LYS HD2  H N N 206 
LYS HD3  H N N 207 
LYS HE2  H N N 208 
LYS HE3  H N N 209 
LYS HZ1  H N N 210 
LYS HZ2  H N N 211 
LYS HZ3  H N N 212 
LYS HXT  H N N 213 
MET N    N N N 214 
MET CA   C N S 215 
MET C    C N N 216 
MET O    O N N 217 
MET CB   C N N 218 
MET CG   C N N 219 
MET SD   S N N 220 
MET CE   C N N 221 
MET OXT  O N N 222 
MET H    H N N 223 
MET H2   H N N 224 
MET HA   H N N 225 
MET HB2  H N N 226 
MET HB3  H N N 227 
MET HG2  H N N 228 
MET HG3  H N N 229 
MET HE1  H N N 230 
MET HE2  H N N 231 
MET HE3  H N N 232 
MET HXT  H N N 233 
PHE N    N N N 234 
PHE CA   C N S 235 
PHE C    C N N 236 
PHE O    O N N 237 
PHE CB   C N N 238 
PHE CG   C Y N 239 
PHE CD1  C Y N 240 
PHE CD2  C Y N 241 
PHE CE1  C Y N 242 
PHE CE2  C Y N 243 
PHE CZ   C Y N 244 
PHE OXT  O N N 245 
PHE H    H N N 246 
PHE H2   H N N 247 
PHE HA   H N N 248 
PHE HB2  H N N 249 
PHE HB3  H N N 250 
PHE HD1  H N N 251 
PHE HD2  H N N 252 
PHE HE1  H N N 253 
PHE HE2  H N N 254 
PHE HZ   H N N 255 
PHE HXT  H N N 256 
SER N    N N N 257 
SER CA   C N S 258 
SER C    C N N 259 
SER O    O N N 260 
SER CB   C N N 261 
SER OG   O N N 262 
SER OXT  O N N 263 
SER H    H N N 264 
SER H2   H N N 265 
SER HA   H N N 266 
SER HB2  H N N 267 
SER HB3  H N N 268 
SER HG   H N N 269 
SER HXT  H N N 270 
THR N    N N N 271 
THR CA   C N S 272 
THR C    C N N 273 
THR O    O N N 274 
THR CB   C N R 275 
THR OG1  O N N 276 
THR CG2  C N N 277 
THR OXT  O N N 278 
THR H    H N N 279 
THR H2   H N N 280 
THR HA   H N N 281 
THR HB   H N N 282 
THR HG1  H N N 283 
THR HG21 H N N 284 
THR HG22 H N N 285 
THR HG23 H N N 286 
THR HXT  H N N 287 
TYR N    N N N 288 
TYR CA   C N S 289 
TYR C    C N N 290 
TYR O    O N N 291 
TYR CB   C N N 292 
TYR CG   C Y N 293 
TYR CD1  C Y N 294 
TYR CD2  C Y N 295 
TYR CE1  C Y N 296 
TYR CE2  C Y N 297 
TYR CZ   C Y N 298 
TYR OH   O N N 299 
TYR OXT  O N N 300 
TYR H    H N N 301 
TYR H2   H N N 302 
TYR HA   H N N 303 
TYR HB2  H N N 304 
TYR HB3  H N N 305 
TYR HD1  H N N 306 
TYR HD2  H N N 307 
TYR HE1  H N N 308 
TYR HE2  H N N 309 
TYR HH   H N N 310 
TYR HXT  H N N 311 
VAL N    N N N 312 
VAL CA   C N S 313 
VAL C    C N N 314 
VAL O    O N N 315 
VAL CB   C N N 316 
VAL CG1  C N N 317 
VAL CG2  C N N 318 
VAL OXT  O N N 319 
VAL H    H N N 320 
VAL H2   H N N 321 
VAL HA   H N N 322 
VAL HB   H N N 323 
VAL HG11 H N N 324 
VAL HG12 H N N 325 
VAL HG13 H N N 326 
VAL HG21 H N N 327 
VAL HG22 H N N 328 
VAL HG23 H N N 329 
VAL HXT  H N N 330 
# 
loop_
_chem_comp_bond.comp_id 
_chem_comp_bond.atom_id_1 
_chem_comp_bond.atom_id_2 
_chem_comp_bond.value_order 
_chem_comp_bond.pdbx_aromatic_flag 
_chem_comp_bond.pdbx_stereo_config 
_chem_comp_bond.pdbx_ordinal 
ARG N   CA   sing N N 1   
ARG N   H    sing N N 2   
ARG N   H2   sing N N 3   
ARG CA  C    sing N N 4   
ARG CA  CB   sing N N 5   
ARG CA  HA   sing N N 6   
ARG C   O    doub N N 7   
ARG C   OXT  sing N N 8   
ARG CB  CG   sing N N 9   
ARG CB  HB2  sing N N 10  
ARG CB  HB3  sing N N 11  
ARG CG  CD   sing N N 12  
ARG CG  HG2  sing N N 13  
ARG CG  HG3  sing N N 14  
ARG CD  NE   sing N N 15  
ARG CD  HD2  sing N N 16  
ARG CD  HD3  sing N N 17  
ARG NE  CZ   sing N N 18  
ARG NE  HE   sing N N 19  
ARG CZ  NH1  sing N N 20  
ARG CZ  NH2  doub N N 21  
ARG NH1 HH11 sing N N 22  
ARG NH1 HH12 sing N N 23  
ARG NH2 HH21 sing N N 24  
ARG NH2 HH22 sing N N 25  
ARG OXT HXT  sing N N 26  
ASN N   CA   sing N N 27  
ASN N   H    sing N N 28  
ASN N   H2   sing N N 29  
ASN CA  C    sing N N 30  
ASN CA  CB   sing N N 31  
ASN CA  HA   sing N N 32  
ASN C   O    doub N N 33  
ASN C   OXT  sing N N 34  
ASN CB  CG   sing N N 35  
ASN CB  HB2  sing N N 36  
ASN CB  HB3  sing N N 37  
ASN CG  OD1  doub N N 38  
ASN CG  ND2  sing N N 39  
ASN ND2 HD21 sing N N 40  
ASN ND2 HD22 sing N N 41  
ASN OXT HXT  sing N N 42  
ASP N   CA   sing N N 43  
ASP N   H    sing N N 44  
ASP N   H2   sing N N 45  
ASP CA  C    sing N N 46  
ASP CA  CB   sing N N 47  
ASP CA  HA   sing N N 48  
ASP C   O    doub N N 49  
ASP C   OXT  sing N N 50  
ASP CB  CG   sing N N 51  
ASP CB  HB2  sing N N 52  
ASP CB  HB3  sing N N 53  
ASP CG  OD1  doub N N 54  
ASP CG  OD2  sing N N 55  
ASP OD2 HD2  sing N N 56  
ASP OXT HXT  sing N N 57  
CYS N   CA   sing N N 58  
CYS N   H    sing N N 59  
CYS N   H2   sing N N 60  
CYS CA  C    sing N N 61  
CYS CA  CB   sing N N 62  
CYS CA  HA   sing N N 63  
CYS C   O    doub N N 64  
CYS C   OXT  sing N N 65  
CYS CB  SG   sing N N 66  
CYS CB  HB2  sing N N 67  
CYS CB  HB3  sing N N 68  
CYS SG  HG   sing N N 69  
CYS OXT HXT  sing N N 70  
GLN N   CA   sing N N 71  
GLN N   H    sing N N 72  
GLN N   H2   sing N N 73  
GLN CA  C    sing N N 74  
GLN CA  CB   sing N N 75  
GLN CA  HA   sing N N 76  
GLN C   O    doub N N 77  
GLN C   OXT  sing N N 78  
GLN CB  CG   sing N N 79  
GLN CB  HB2  sing N N 80  
GLN CB  HB3  sing N N 81  
GLN CG  CD   sing N N 82  
GLN CG  HG2  sing N N 83  
GLN CG  HG3  sing N N 84  
GLN CD  OE1  doub N N 85  
GLN CD  NE2  sing N N 86  
GLN NE2 HE21 sing N N 87  
GLN NE2 HE22 sing N N 88  
GLN OXT HXT  sing N N 89  
GLU N   CA   sing N N 90  
GLU N   H    sing N N 91  
GLU N   H2   sing N N 92  
GLU CA  C    sing N N 93  
GLU CA  CB   sing N N 94  
GLU CA  HA   sing N N 95  
GLU C   O    doub N N 96  
GLU C   OXT  sing N N 97  
GLU CB  CG   sing N N 98  
GLU CB  HB2  sing N N 99  
GLU CB  HB3  sing N N 100 
GLU CG  CD   sing N N 101 
GLU CG  HG2  sing N N 102 
GLU CG  HG3  sing N N 103 
GLU CD  OE1  doub N N 104 
GLU CD  OE2  sing N N 105 
GLU OE2 HE2  sing N N 106 
GLU OXT HXT  sing N N 107 
GLY N   CA   sing N N 108 
GLY N   H    sing N N 109 
GLY N   H2   sing N N 110 
GLY CA  C    sing N N 111 
GLY CA  HA2  sing N N 112 
GLY CA  HA3  sing N N 113 
GLY C   O    doub N N 114 
GLY C   OXT  sing N N 115 
GLY OXT HXT  sing N N 116 
HIS N   CA   sing N N 117 
HIS N   H    sing N N 118 
HIS N   H2   sing N N 119 
HIS CA  C    sing N N 120 
HIS CA  CB   sing N N 121 
HIS CA  HA   sing N N 122 
HIS C   O    doub N N 123 
HIS C   OXT  sing N N 124 
HIS CB  CG   sing N N 125 
HIS CB  HB2  sing N N 126 
HIS CB  HB3  sing N N 127 
HIS CG  ND1  sing Y N 128 
HIS CG  CD2  doub Y N 129 
HIS ND1 CE1  doub Y N 130 
HIS ND1 HD1  sing N N 131 
HIS CD2 NE2  sing Y N 132 
HIS CD2 HD2  sing N N 133 
HIS CE1 NE2  sing Y N 134 
HIS CE1 HE1  sing N N 135 
HIS NE2 HE2  sing N N 136 
HIS OXT HXT  sing N N 137 
ILE N   CA   sing N N 138 
ILE N   H    sing N N 139 
ILE N   H2   sing N N 140 
ILE CA  C    sing N N 141 
ILE CA  CB   sing N N 142 
ILE CA  HA   sing N N 143 
ILE C   O    doub N N 144 
ILE C   OXT  sing N N 145 
ILE CB  CG1  sing N N 146 
ILE CB  CG2  sing N N 147 
ILE CB  HB   sing N N 148 
ILE CG1 CD1  sing N N 149 
ILE CG1 HG12 sing N N 150 
ILE CG1 HG13 sing N N 151 
ILE CG2 HG21 sing N N 152 
ILE CG2 HG22 sing N N 153 
ILE CG2 HG23 sing N N 154 
ILE CD1 HD11 sing N N 155 
ILE CD1 HD12 sing N N 156 
ILE CD1 HD13 sing N N 157 
ILE OXT HXT  sing N N 158 
LEU N   CA   sing N N 159 
LEU N   H    sing N N 160 
LEU N   H2   sing N N 161 
LEU CA  C    sing N N 162 
LEU CA  CB   sing N N 163 
LEU CA  HA   sing N N 164 
LEU C   O    doub N N 165 
LEU C   OXT  sing N N 166 
LEU CB  CG   sing N N 167 
LEU CB  HB2  sing N N 168 
LEU CB  HB3  sing N N 169 
LEU CG  CD1  sing N N 170 
LEU CG  CD2  sing N N 171 
LEU CG  HG   sing N N 172 
LEU CD1 HD11 sing N N 173 
LEU CD1 HD12 sing N N 174 
LEU CD1 HD13 sing N N 175 
LEU CD2 HD21 sing N N 176 
LEU CD2 HD22 sing N N 177 
LEU CD2 HD23 sing N N 178 
LEU OXT HXT  sing N N 179 
LYS N   CA   sing N N 180 
LYS N   H    sing N N 181 
LYS N   H2   sing N N 182 
LYS CA  C    sing N N 183 
LYS CA  CB   sing N N 184 
LYS CA  HA   sing N N 185 
LYS C   O    doub N N 186 
LYS C   OXT  sing N N 187 
LYS CB  CG   sing N N 188 
LYS CB  HB2  sing N N 189 
LYS CB  HB3  sing N N 190 
LYS CG  CD   sing N N 191 
LYS CG  HG2  sing N N 192 
LYS CG  HG3  sing N N 193 
LYS CD  CE   sing N N 194 
LYS CD  HD2  sing N N 195 
LYS CD  HD3  sing N N 196 
LYS CE  NZ   sing N N 197 
LYS CE  HE2  sing N N 198 
LYS CE  HE3  sing N N 199 
LYS NZ  HZ1  sing N N 200 
LYS NZ  HZ2  sing N N 201 
LYS NZ  HZ3  sing N N 202 
LYS OXT HXT  sing N N 203 
MET N   CA   sing N N 204 
MET N   H    sing N N 205 
MET N   H2   sing N N 206 
MET CA  C    sing N N 207 
MET CA  CB   sing N N 208 
MET CA  HA   sing N N 209 
MET C   O    doub N N 210 
MET C   OXT  sing N N 211 
MET CB  CG   sing N N 212 
MET CB  HB2  sing N N 213 
MET CB  HB3  sing N N 214 
MET CG  SD   sing N N 215 
MET CG  HG2  sing N N 216 
MET CG  HG3  sing N N 217 
MET SD  CE   sing N N 218 
MET CE  HE1  sing N N 219 
MET CE  HE2  sing N N 220 
MET CE  HE3  sing N N 221 
MET OXT HXT  sing N N 222 
PHE N   CA   sing N N 223 
PHE N   H    sing N N 224 
PHE N   H2   sing N N 225 
PHE CA  C    sing N N 226 
PHE CA  CB   sing N N 227 
PHE CA  HA   sing N N 228 
PHE C   O    doub N N 229 
PHE C   OXT  sing N N 230 
PHE CB  CG   sing N N 231 
PHE CB  HB2  sing N N 232 
PHE CB  HB3  sing N N 233 
PHE CG  CD1  doub Y N 234 
PHE CG  CD2  sing Y N 235 
PHE CD1 CE1  sing Y N 236 
PHE CD1 HD1  sing N N 237 
PHE CD2 CE2  doub Y N 238 
PHE CD2 HD2  sing N N 239 
PHE CE1 CZ   doub Y N 240 
PHE CE1 HE1  sing N N 241 
PHE CE2 CZ   sing Y N 242 
PHE CE2 HE2  sing N N 243 
PHE CZ  HZ   sing N N 244 
PHE OXT HXT  sing N N 245 
SER N   CA   sing N N 246 
SER N   H    sing N N 247 
SER N   H2   sing N N 248 
SER CA  C    sing N N 249 
SER CA  CB   sing N N 250 
SER CA  HA   sing N N 251 
SER C   O    doub N N 252 
SER C   OXT  sing N N 253 
SER CB  OG   sing N N 254 
SER CB  HB2  sing N N 255 
SER CB  HB3  sing N N 256 
SER OG  HG   sing N N 257 
SER OXT HXT  sing N N 258 
THR N   CA   sing N N 259 
THR N   H    sing N N 260 
THR N   H2   sing N N 261 
THR CA  C    sing N N 262 
THR CA  CB   sing N N 263 
THR CA  HA   sing N N 264 
THR C   O    doub N N 265 
THR C   OXT  sing N N 266 
THR CB  OG1  sing N N 267 
THR CB  CG2  sing N N 268 
THR CB  HB   sing N N 269 
THR OG1 HG1  sing N N 270 
THR CG2 HG21 sing N N 271 
THR CG2 HG22 sing N N 272 
THR CG2 HG23 sing N N 273 
THR OXT HXT  sing N N 274 
TYR N   CA   sing N N 275 
TYR N   H    sing N N 276 
TYR N   H2   sing N N 277 
TYR CA  C    sing N N 278 
TYR CA  CB   sing N N 279 
TYR CA  HA   sing N N 280 
TYR C   O    doub N N 281 
TYR C   OXT  sing N N 282 
TYR CB  CG   sing N N 283 
TYR CB  HB2  sing N N 284 
TYR CB  HB3  sing N N 285 
TYR CG  CD1  doub Y N 286 
TYR CG  CD2  sing Y N 287 
TYR CD1 CE1  sing Y N 288 
TYR CD1 HD1  sing N N 289 
TYR CD2 CE2  doub Y N 290 
TYR CD2 HD2  sing N N 291 
TYR CE1 CZ   doub Y N 292 
TYR CE1 HE1  sing N N 293 
TYR CE2 CZ   sing Y N 294 
TYR CE2 HE2  sing N N 295 
TYR CZ  OH   sing N N 296 
TYR OH  HH   sing N N 297 
TYR OXT HXT  sing N N 298 
VAL N   CA   sing N N 299 
VAL N   H    sing N N 300 
VAL N   H2   sing N N 301 
VAL CA  C    sing N N 302 
VAL CA  CB   sing N N 303 
VAL CA  HA   sing N N 304 
VAL C   O    doub N N 305 
VAL C   OXT  sing N N 306 
VAL CB  CG1  sing N N 307 
VAL CB  CG2  sing N N 308 
VAL CB  HB   sing N N 309 
VAL CG1 HG11 sing N N 310 
VAL CG1 HG12 sing N N 311 
VAL CG1 HG13 sing N N 312 
VAL CG2 HG21 sing N N 313 
VAL CG2 HG22 sing N N 314 
VAL CG2 HG23 sing N N 315 
VAL OXT HXT  sing N N 316 
# 
_pdbx_nmr_spectrometer.spectrometer_id   1 
_pdbx_nmr_spectrometer.type              ? 
_pdbx_nmr_spectrometer.manufacturer      Bruker 
_pdbx_nmr_spectrometer.model             DMX 
_pdbx_nmr_spectrometer.field_strength    500 
# 
_atom_sites.entry_id                    1K37 
_atom_sites.fract_transf_matrix[1][1]   1.000000 
_atom_sites.fract_transf_matrix[1][2]   0.000000 
_atom_sites.fract_transf_matrix[1][3]   0.000000 
_atom_sites.fract_transf_matrix[2][1]   0.000000 
_atom_sites.fract_transf_matrix[2][2]   1.000000 
_atom_sites.fract_transf_matrix[2][3]   0.000000 
_atom_sites.fract_transf_matrix[3][1]   0.000000 
_atom_sites.fract_transf_matrix[3][2]   0.000000 
_atom_sites.fract_transf_matrix[3][3]   1.000000 
_atom_sites.fract_transf_vector[1]      0.00000 
_atom_sites.fract_transf_vector[2]      0.00000 
_atom_sites.fract_transf_vector[3]      0.00000 
# 
loop_
_atom_type.symbol 
C 
H 
N 
O 
S 
# 
loop_
_atom_site.group_PDB 
_atom_site.id 
_atom_site.type_symbol 
_atom_site.label_atom_id 
_atom_site.label_alt_id 
_atom_site.label_comp_id 
_atom_site.label_asym_id 
_atom_site.label_entity_id 
_atom_site.label_seq_id 
_atom_site.pdbx_PDB_ins_code 
_atom_site.Cartn_x 
_atom_site.Cartn_y 
_atom_site.Cartn_z 
_atom_site.occupancy 
_atom_site.B_iso_or_equiv 
_atom_site.pdbx_formal_charge 
_atom_site.auth_seq_id 
_atom_site.auth_comp_id 
_atom_site.auth_asym_id 
_atom_site.auth_atom_id 
_atom_site.pdbx_PDB_model_num 
ATOM 1   N N    . VAL A 1 1  ? 9.173   -10.144 10.849  1.00 3.31 ? 1  VAL A N    1 
ATOM 2   C CA   . VAL A 1 1  ? 7.977   -9.302  11.169  1.00 2.80 ? 1  VAL A CA   1 
ATOM 3   C C    . VAL A 1 1  ? 8.414   -7.879  11.574  1.00 1.96 ? 1  VAL A C    1 
ATOM 4   O O    . VAL A 1 1  ? 8.043   -7.371  12.618  1.00 2.02 ? 1  VAL A O    1 
ATOM 5   C CB   . VAL A 1 1  ? 7.260   -10.039 12.320  1.00 3.34 ? 1  VAL A CB   1 
ATOM 6   C CG1  . VAL A 1 1  ? 8.091   -9.975  13.610  1.00 3.56 ? 1  VAL A CG1  1 
ATOM 7   C CG2  . VAL A 1 1  ? 5.886   -9.402  12.562  1.00 4.15 ? 1  VAL A CG2  1 
ATOM 8   H H1   . VAL A 1 1  ? 8.893   -11.145 10.800  1.00 3.65 ? 1  VAL A H1   1 
ATOM 9   H H2   . VAL A 1 1  ? 9.896   -10.020 11.587  1.00 3.47 ? 1  VAL A H2   1 
ATOM 10  H H3   . VAL A 1 1  ? 9.565   -9.853  9.930   1.00 3.74 ? 1  VAL A H3   1 
ATOM 11  H HA   . VAL A 1 1  ? 7.324   -9.254  10.311  1.00 3.25 ? 1  VAL A HA   1 
ATOM 12  H HB   . VAL A 1 1  ? 7.126   -11.075 12.042  1.00 3.69 ? 1  VAL A HB   1 
ATOM 13  H HG11 . VAL A 1 1  ? 8.106   -10.949 14.078  1.00 3.81 ? 1  VAL A HG11 1 
ATOM 14  H HG12 . VAL A 1 1  ? 7.651   -9.259  14.288  1.00 3.87 ? 1  VAL A HG12 1 
ATOM 15  H HG13 . VAL A 1 1  ? 9.102   -9.673  13.377  1.00 3.80 ? 1  VAL A HG13 1 
ATOM 16  H HG21 . VAL A 1 1  ? 5.445   -9.823  13.453  1.00 4.45 ? 1  VAL A HG21 1 
ATOM 17  H HG22 . VAL A 1 1  ? 5.243   -9.599  11.715  1.00 4.58 ? 1  VAL A HG22 1 
ATOM 18  H HG23 . VAL A 1 1  ? 5.998   -8.335  12.686  1.00 4.48 ? 1  VAL A HG23 1 
ATOM 19  N N    . SER A 1 2  ? 9.197   -7.231  10.744  1.00 1.53 ? 2  SER A N    1 
ATOM 20  C CA   . SER A 1 2  ? 9.661   -5.845  11.063  1.00 1.02 ? 2  SER A CA   1 
ATOM 21  C C    . SER A 1 2  ? 9.235   -4.874  9.953   1.00 0.87 ? 2  SER A C    1 
ATOM 22  O O    . SER A 1 2  ? 10.049  -4.389  9.188   1.00 1.26 ? 2  SER A O    1 
ATOM 23  C CB   . SER A 1 2  ? 11.186  -5.949  11.147  1.00 1.35 ? 2  SER A CB   1 
ATOM 24  O OG   . SER A 1 2  ? 11.655  -5.112  12.196  1.00 1.97 ? 2  SER A OG   1 
ATOM 25  H H    . SER A 1 2  ? 9.479   -7.655  9.906   1.00 1.89 ? 2  SER A H    1 
ATOM 26  H HA   . SER A 1 2  ? 9.261   -5.525  12.013  1.00 1.27 ? 2  SER A HA   1 
ATOM 27  H HB2  . SER A 1 2  ? 11.471  -6.968  11.355  1.00 1.82 ? 2  SER A HB2  1 
ATOM 28  H HB3  . SER A 1 2  ? 11.620  -5.642  10.205  1.00 1.72 ? 2  SER A HB3  1 
ATOM 29  H HG   . SER A 1 2  ? 11.874  -5.670  12.945  1.00 2.31 ? 2  SER A HG   1 
ATOM 30  N N    . ILE A 1 3  ? 7.960   -4.584  9.859   1.00 0.61 ? 3  ILE A N    1 
ATOM 31  C CA   . ILE A 1 3  ? 7.478   -3.644  8.799   1.00 0.46 ? 3  ILE A CA   1 
ATOM 32  C C    . ILE A 1 3  ? 7.728   -2.185  9.215   1.00 0.47 ? 3  ILE A C    1 
ATOM 33  O O    . ILE A 1 3  ? 7.638   -1.835  10.379  1.00 0.62 ? 3  ILE A O    1 
ATOM 34  C CB   . ILE A 1 3  ? 5.975   -3.924  8.652   1.00 0.60 ? 3  ILE A CB   1 
ATOM 35  C CG1  . ILE A 1 3  ? 5.450   -3.196  7.409   1.00 0.61 ? 3  ILE A CG1  1 
ATOM 36  C CG2  . ILE A 1 3  ? 5.214   -3.434  9.891   1.00 0.86 ? 3  ILE A CG2  1 
ATOM 37  C CD1  . ILE A 1 3  ? 5.001   -4.221  6.365   1.00 0.84 ? 3  ILE A CD1  1 
ATOM 38  H H    . ILE A 1 3  ? 7.322   -4.985  10.487  1.00 0.84 ? 3  ILE A H    1 
ATOM 39  H HA   . ILE A 1 3  ? 7.977   -3.854  7.864   1.00 0.40 ? 3  ILE A HA   1 
ATOM 40  H HB   . ILE A 1 3  ? 5.821   -4.988  8.537   1.00 0.70 ? 3  ILE A HB   1 
ATOM 41  H HG12 . ILE A 1 3  ? 4.613   -2.571  7.684   1.00 0.82 ? 3  ILE A HG12 1 
ATOM 42  H HG13 . ILE A 1 3  ? 6.237   -2.584  6.992   1.00 0.73 ? 3  ILE A HG13 1 
ATOM 43  H HG21 . ILE A 1 3  ? 5.720   -3.771  10.783  1.00 1.43 ? 3  ILE A HG21 1 
ATOM 44  H HG22 . ILE A 1 3  ? 4.209   -3.830  9.875   1.00 1.31 ? 3  ILE A HG22 1 
ATOM 45  H HG23 . ILE A 1 3  ? 5.175   -2.355  9.885   1.00 1.36 ? 3  ILE A HG23 1 
ATOM 46  H HD11 . ILE A 1 3  ? 3.992   -4.538  6.583   1.00 1.45 ? 3  ILE A HD11 1 
ATOM 47  H HD12 . ILE A 1 3  ? 5.660   -5.075  6.393   1.00 1.32 ? 3  ILE A HD12 1 
ATOM 48  H HD13 . ILE A 1 3  ? 5.034   -3.772  5.384   1.00 1.37 ? 3  ILE A HD13 1 
ATOM 49  N N    . THR A 1 4  ? 8.036   -1.337  8.265   1.00 0.49 ? 4  THR A N    1 
ATOM 50  C CA   . THR A 1 4  ? 8.289   0.104   8.582   1.00 0.63 ? 4  THR A CA   1 
ATOM 51  C C    . THR A 1 4  ? 7.231   0.979   7.891   1.00 0.55 ? 4  THR A C    1 
ATOM 52  O O    . THR A 1 4  ? 6.483   0.510   7.055   1.00 0.57 ? 4  THR A O    1 
ATOM 53  C CB   . THR A 1 4  ? 9.695   0.403   8.030   1.00 0.78 ? 4  THR A CB   1 
ATOM 54  O OG1  . THR A 1 4  ? 10.570  -0.682  8.321   1.00 1.40 ? 4  THR A OG1  1 
ATOM 55  C CG2  . THR A 1 4  ? 10.244  1.683   8.671   1.00 0.81 ? 4  THR A CG2  1 
ATOM 56  H H    . THR A 1 4  ? 8.098   -1.647  7.338   1.00 0.53 ? 4  THR A H    1 
ATOM 57  H HA   . THR A 1 4  ? 8.270   0.265   9.649   1.00 0.78 ? 4  THR A HA   1 
ATOM 58  H HB   . THR A 1 4  ? 9.639   0.542   6.961   1.00 1.12 ? 4  THR A HB   1 
ATOM 59  H HG1  . THR A 1 4  ? 10.656  -0.753  9.275   1.00 1.71 ? 4  THR A HG1  1 
ATOM 60  H HG21 . THR A 1 4  ? 9.879   1.761   9.685   1.00 1.34 ? 4  THR A HG21 1 
ATOM 61  H HG22 . THR A 1 4  ? 9.915   2.541   8.104   1.00 1.28 ? 4  THR A HG22 1 
ATOM 62  H HG23 . THR A 1 4  ? 11.323  1.647   8.679   1.00 1.45 ? 4  THR A HG23 1 
ATOM 63  N N    . LYS A 1 5  ? 7.153   2.240   8.240   1.00 0.57 ? 5  LYS A N    1 
ATOM 64  C CA   . LYS A 1 5  ? 6.135   3.135   7.604   1.00 0.57 ? 5  LYS A CA   1 
ATOM 65  C C    . LYS A 1 5  ? 6.768   3.986   6.495   1.00 0.53 ? 5  LYS A C    1 
ATOM 66  O O    . LYS A 1 5  ? 7.977   4.062   6.369   1.00 0.68 ? 5  LYS A O    1 
ATOM 67  C CB   . LYS A 1 5  ? 5.621   4.026   8.738   1.00 0.77 ? 5  LYS A CB   1 
ATOM 68  C CG   . LYS A 1 5  ? 4.188   3.625   9.095   1.00 1.40 ? 5  LYS A CG   1 
ATOM 69  C CD   . LYS A 1 5  ? 3.581   4.668   10.035  1.00 1.80 ? 5  LYS A CD   1 
ATOM 70  C CE   . LYS A 1 5  ? 2.207   4.189   10.519  1.00 2.39 ? 5  LYS A CE   1 
ATOM 71  N NZ   . LYS A 1 5  ? 2.217   4.390   11.997  1.00 3.06 ? 5  LYS A NZ   1 
ATOM 72  H H    . LYS A 1 5  ? 7.760   2.598   8.921   1.00 0.67 ? 5  LYS A H    1 
ATOM 73  H HA   . LYS A 1 5  ? 5.322   2.548   7.204   1.00 0.60 ? 5  LYS A HA   1 
ATOM 74  H HB2  . LYS A 1 5  ? 6.254   3.907   9.606   1.00 1.03 ? 5  LYS A HB2  1 
ATOM 75  H HB3  . LYS A 1 5  ? 5.634   5.058   8.421   1.00 1.09 ? 5  LYS A HB3  1 
ATOM 76  H HG2  . LYS A 1 5  ? 3.596   3.566   8.191   1.00 1.93 ? 5  LYS A HG2  1 
ATOM 77  H HG3  . LYS A 1 5  ? 4.194   2.663   9.584   1.00 1.92 ? 5  LYS A HG3  1 
ATOM 78  H HD2  . LYS A 1 5  ? 4.234   4.808   10.884  1.00 2.28 ? 5  LYS A HD2  1 
ATOM 79  H HD3  . LYS A 1 5  ? 3.469   5.605   9.509   1.00 2.15 ? 5  LYS A HD3  1 
ATOM 80  H HE2  . LYS A 1 5  ? 1.424   4.780   10.063  1.00 2.74 ? 5  LYS A HE2  1 
ATOM 81  H HE3  . LYS A 1 5  ? 2.070   3.143   10.290  1.00 2.74 ? 5  LYS A HE3  1 
ATOM 82  H HZ1  . LYS A 1 5  ? 2.974   3.817   12.422  1.00 3.36 ? 5  LYS A HZ1  1 
ATOM 83  H HZ2  . LYS A 1 5  ? 1.299   4.097   12.391  1.00 3.40 ? 5  LYS A HZ2  1 
ATOM 84  H HZ3  . LYS A 1 5  ? 2.381   5.393   12.211  1.00 3.49 ? 5  LYS A HZ3  1 
ATOM 85  N N    . CYS A 1 6  ? 5.951   4.625   5.691   1.00 0.51 ? 6  CYS A N    1 
ATOM 86  C CA   . CYS A 1 6  ? 6.484   5.480   4.582   1.00 0.59 ? 6  CYS A CA   1 
ATOM 87  C C    . CYS A 1 6  ? 6.472   6.961   4.989   1.00 0.78 ? 6  CYS A C    1 
ATOM 88  O O    . CYS A 1 6  ? 6.107   7.307   6.099   1.00 1.03 ? 6  CYS A O    1 
ATOM 89  C CB   . CYS A 1 6  ? 5.530   5.244   3.408   1.00 0.57 ? 6  CYS A CB   1 
ATOM 90  S SG   . CYS A 1 6  ? 5.798   3.590   2.720   1.00 0.73 ? 6  CYS A SG   1 
ATOM 91  H H    . CYS A 1 6  ? 4.981   4.545   5.819   1.00 0.59 ? 6  CYS A H    1 
ATOM 92  H HA   . CYS A 1 6  ? 7.482   5.171   4.314   1.00 0.73 ? 6  CYS A HA   1 
ATOM 93  H HB2  . CYS A 1 6  ? 4.511   5.329   3.750   1.00 0.61 ? 6  CYS A HB2  1 
ATOM 94  H HB3  . CYS A 1 6  ? 5.714   5.984   2.643   1.00 0.71 ? 6  CYS A HB3  1 
ATOM 95  H HG   . CYS A 1 6  ? 6.509   3.174   3.213   1.00 1.11 ? 6  CYS A HG   1 
ATOM 96  N N    . SER A 1 7  ? 6.869   7.836   4.095   1.00 0.96 ? 7  SER A N    1 
ATOM 97  C CA   . SER A 1 7  ? 6.884   9.299   4.417   1.00 1.22 ? 7  SER A CA   1 
ATOM 98  C C    . SER A 1 7  ? 5.744   10.023  3.682   1.00 1.21 ? 7  SER A C    1 
ATOM 99  O O    . SER A 1 7  ? 4.831   9.400   3.167   1.00 1.21 ? 7  SER A O    1 
ATOM 100 C CB   . SER A 1 7  ? 8.248   9.793   3.928   1.00 1.50 ? 7  SER A CB   1 
ATOM 101 O OG   . SER A 1 7  ? 8.604   10.972  4.641   1.00 2.05 ? 7  SER A OG   1 
ATOM 102 H H    . SER A 1 7  ? 7.156   7.531   3.209   1.00 1.08 ? 7  SER A H    1 
ATOM 103 H HA   . SER A 1 7  ? 6.799   9.450   5.482   1.00 1.34 ? 7  SER A HA   1 
ATOM 104 H HB2  . SER A 1 7  ? 8.993   9.036   4.102   1.00 1.72 ? 7  SER A HB2  1 
ATOM 105 H HB3  . SER A 1 7  ? 8.194   10.004  2.867   1.00 1.79 ? 7  SER A HB3  1 
ATOM 106 H HG   . SER A 1 7  ? 9.110   10.709  5.413   1.00 2.41 ? 7  SER A HG   1 
ATOM 107 N N    . SER A 1 8  ? 5.786   11.335  3.639   1.00 1.49 ? 8  SER A N    1 
ATOM 108 C CA   . SER A 1 8  ? 4.702   12.109  2.947   1.00 1.58 ? 8  SER A CA   1 
ATOM 109 C C    . SER A 1 8  ? 4.892   12.088  1.420   1.00 1.51 ? 8  SER A C    1 
ATOM 110 O O    . SER A 1 8  ? 3.926   12.068  0.680   1.00 2.15 ? 8  SER A O    1 
ATOM 111 C CB   . SER A 1 8  ? 4.826   13.537  3.483   1.00 2.05 ? 8  SER A CB   1 
ATOM 112 O OG   . SER A 1 8  ? 3.568   14.191  3.366   1.00 2.35 ? 8  SER A OG   1 
ATOM 113 H H    . SER A 1 8  ? 6.527   11.813  4.073   1.00 1.77 ? 8  SER A H    1 
ATOM 114 H HA   . SER A 1 8  ? 3.736   11.705  3.206   1.00 1.51 ? 8  SER A HA   1 
ATOM 115 H HB2  . SER A 1 8  ? 5.118   13.511  4.520   1.00 2.44 ? 8  SER A HB2  1 
ATOM 116 H HB3  . SER A 1 8  ? 5.576   14.070  2.913   1.00 2.40 ? 8  SER A HB3  1 
ATOM 117 H HG   . SER A 1 8  ? 3.561   14.930  3.978   1.00 2.75 ? 8  SER A HG   1 
ATOM 118 N N    . ASP A 1 9  ? 6.116   12.078  0.939   1.00 1.51 ? 9  ASP A N    1 
ATOM 119 C CA   . ASP A 1 9  ? 6.341   12.045  -0.541  1.00 1.58 ? 9  ASP A CA   1 
ATOM 120 C C    . ASP A 1 9  ? 6.549   10.595  -1.015  1.00 1.43 ? 9  ASP A C    1 
ATOM 121 O O    . ASP A 1 9  ? 7.320   10.334  -1.920  1.00 1.74 ? 9  ASP A O    1 
ATOM 122 C CB   . ASP A 1 9  ? 7.606   12.882  -0.775  1.00 2.12 ? 9  ASP A CB   1 
ATOM 123 C CG   . ASP A 1 9  ? 7.496   13.613  -2.117  1.00 2.43 ? 9  ASP A CG   1 
ATOM 124 O OD1  . ASP A 1 9  ? 6.963   14.710  -2.129  1.00 2.78 ? 9  ASP A OD1  1 
ATOM 125 O OD2  . ASP A 1 9  ? 7.947   13.062  -3.108  1.00 2.95 ? 9  ASP A OD2  1 
ATOM 126 H H    . ASP A 1 9  ? 6.885   12.085  1.547   1.00 2.00 ? 9  ASP A H    1 
ATOM 127 H HA   . ASP A 1 9  ? 5.506   12.490  -1.057  1.00 1.54 ? 9  ASP A HA   1 
ATOM 128 H HB2  . ASP A 1 9  ? 7.710   13.605  0.022   1.00 2.47 ? 9  ASP A HB2  1 
ATOM 129 H HB3  . ASP A 1 9  ? 8.470   12.235  -0.789  1.00 2.39 ? 9  ASP A HB3  1 
ATOM 130 N N    . MET A 1 10 ? 5.862   9.653   -0.408  1.00 1.18 ? 10 MET A N    1 
ATOM 131 C CA   . MET A 1 10 ? 6.011   8.221   -0.815  1.00 1.38 ? 10 MET A CA   1 
ATOM 132 C C    . MET A 1 10 ? 4.641   7.589   -1.137  1.00 1.23 ? 10 MET A C    1 
ATOM 133 O O    . MET A 1 10 ? 4.554   6.404   -1.405  1.00 1.53 ? 10 MET A O    1 
ATOM 134 C CB   . MET A 1 10 ? 6.646   7.534   0.397   1.00 1.64 ? 10 MET A CB   1 
ATOM 135 C CG   . MET A 1 10 ? 7.795   6.636   -0.064  1.00 2.34 ? 10 MET A CG   1 
ATOM 136 S SD   . MET A 1 10 ? 9.080   6.593   1.211   1.00 3.16 ? 10 MET A SD   1 
ATOM 137 C CE   . MET A 1 10 ? 10.301  5.640   0.278   1.00 3.84 ? 10 MET A CE   1 
ATOM 138 H H    . MET A 1 10 ? 5.247   9.888   0.317   1.00 1.08 ? 10 MET A H    1 
ATOM 139 H HA   . MET A 1 10 ? 6.668   8.140   -1.665  1.00 1.66 ? 10 MET A HA   1 
ATOM 140 H HB2  . MET A 1 10 ? 7.025   8.283   1.078   1.00 1.99 ? 10 MET A HB2  1 
ATOM 141 H HB3  . MET A 1 10 ? 5.903   6.935   0.900   1.00 1.26 ? 10 MET A HB3  1 
ATOM 142 H HG2  . MET A 1 10 ? 7.424   5.635   -0.235  1.00 2.53 ? 10 MET A HG2  1 
ATOM 143 H HG3  . MET A 1 10 ? 8.212   7.026   -0.981  1.00 2.79 ? 10 MET A HG3  1 
ATOM 144 H HE1  . MET A 1 10 ? 11.204  5.540   0.865   1.00 4.22 ? 10 MET A HE1  1 
ATOM 145 H HE2  . MET A 1 10 ? 10.530  6.151   -0.643  1.00 4.13 ? 10 MET A HE2  1 
ATOM 146 H HE3  . MET A 1 10 ? 9.900   4.661   0.054   1.00 4.16 ? 10 MET A HE3  1 
ATOM 147 N N    . ASN A 1 11 ? 3.574   8.362   -1.123  1.00 0.99 ? 11 ASN A N    1 
ATOM 148 C CA   . ASN A 1 11 ? 2.227   7.794   -1.435  1.00 1.19 ? 11 ASN A CA   1 
ATOM 149 C C    . ASN A 1 11 ? 1.864   8.086   -2.900  1.00 1.04 ? 11 ASN A C    1 
ATOM 150 O O    . ASN A 1 11 ? 0.991   8.884   -3.190  1.00 1.51 ? 11 ASN A O    1 
ATOM 151 C CB   . ASN A 1 11 ? 1.260   8.502   -0.472  1.00 1.48 ? 11 ASN A CB   1 
ATOM 152 C CG   . ASN A 1 11 ? 0.350   7.465   0.195   1.00 1.81 ? 11 ASN A CG   1 
ATOM 153 O OD1  . ASN A 1 11 ? -0.463  6.843   -0.458  1.00 2.50 ? 11 ASN A OD1  1 
ATOM 154 N ND2  . ASN A 1 11 ? 0.452   7.253   1.480   1.00 2.28 ? 11 ASN A ND2  1 
ATOM 155 H H    . ASN A 1 11 ? 3.661   9.315   -0.911  1.00 0.89 ? 11 ASN A H    1 
ATOM 156 H HA   . ASN A 1 11 ? 2.216   6.731   -1.252  1.00 1.48 ? 11 ASN A HA   1 
ATOM 157 H HB2  . ASN A 1 11 ? 1.826   9.025   0.285   1.00 1.92 ? 11 ASN A HB2  1 
ATOM 158 H HB3  . ASN A 1 11 ? 0.655   9.208   -1.020  1.00 2.00 ? 11 ASN A HB3  1 
ATOM 159 H HD21 . ASN A 1 11 ? 1.106   7.756   2.011   1.00 2.45 ? 11 ASN A HD21 1 
ATOM 160 H HD22 . ASN A 1 11 ? -0.128  6.592   1.915   1.00 2.90 ? 11 ASN A HD22 1 
ATOM 161 N N    . GLY A 1 12 ? 2.538   7.443   -3.826  1.00 0.76 ? 12 GLY A N    1 
ATOM 162 C CA   . GLY A 1 12 ? 2.248   7.676   -5.274  1.00 0.70 ? 12 GLY A CA   1 
ATOM 163 C C    . GLY A 1 12 ? 1.858   6.355   -5.947  1.00 0.69 ? 12 GLY A C    1 
ATOM 164 O O    . GLY A 1 12 ? 2.311   6.048   -7.033  1.00 1.04 ? 12 GLY A O    1 
ATOM 165 H H    . GLY A 1 12 ? 3.239   6.808   -3.565  1.00 1.00 ? 12 GLY A H    1 
ATOM 166 H HA2  . GLY A 1 12 ? 1.437   8.383   -5.371  1.00 0.82 ? 12 GLY A HA2  1 
ATOM 167 H HA3  . GLY A 1 12 ? 3.129   8.072   -5.756  1.00 0.72 ? 12 GLY A HA3  1 
ATOM 168 N N    . TYR A 1 13 ? 1.017   5.573   -5.309  1.00 0.54 ? 13 TYR A N    1 
ATOM 169 C CA   . TYR A 1 13 ? 0.589   4.269   -5.906  1.00 0.55 ? 13 TYR A CA   1 
ATOM 170 C C    . TYR A 1 13 ? -0.736  3.814   -5.277  1.00 0.53 ? 13 TYR A C    1 
ATOM 171 O O    . TYR A 1 13 ? -1.737  3.685   -5.955  1.00 0.60 ? 13 TYR A O    1 
ATOM 172 C CB   . TYR A 1 13 ? 1.725   3.288   -5.579  1.00 0.56 ? 13 TYR A CB   1 
ATOM 173 C CG   . TYR A 1 13 ? 1.330   1.884   -5.985  1.00 0.59 ? 13 TYR A CG   1 
ATOM 174 C CD1  . TYR A 1 13 ? 1.345   1.513   -7.335  1.00 0.66 ? 13 TYR A CD1  1 
ATOM 175 C CD2  . TYR A 1 13 ? 0.948   0.954   -5.008  1.00 0.65 ? 13 TYR A CD2  1 
ATOM 176 C CE1  . TYR A 1 13 ? 0.978   0.215   -7.708  1.00 0.74 ? 13 TYR A CE1  1 
ATOM 177 C CE2  . TYR A 1 13 ? 0.581   -0.343  -5.382  1.00 0.73 ? 13 TYR A CE2  1 
ATOM 178 C CZ   . TYR A 1 13 ? 0.596   -0.713  -6.732  1.00 0.76 ? 13 TYR A CZ   1 
ATOM 179 O OH   . TYR A 1 13 ? 0.234   -1.992  -7.101  1.00 0.88 ? 13 TYR A OH   1 
ATOM 180 H H    . TYR A 1 13 ? 0.666   5.846   -4.434  1.00 0.68 ? 13 TYR A H    1 
ATOM 181 H HA   . TYR A 1 13 ? 0.482   4.366   -6.975  1.00 0.60 ? 13 TYR A HA   1 
ATOM 182 H HB2  . TYR A 1 13 ? 2.615   3.578   -6.118  1.00 0.59 ? 13 TYR A HB2  1 
ATOM 183 H HB3  . TYR A 1 13 ? 1.926   3.312   -4.517  1.00 0.56 ? 13 TYR A HB3  1 
ATOM 184 H HD1  . TYR A 1 13 ? 1.639   2.229   -8.088  1.00 0.69 ? 13 TYR A HD1  1 
ATOM 185 H HD2  . TYR A 1 13 ? 0.937   1.240   -3.966  1.00 0.67 ? 13 TYR A HD2  1 
ATOM 186 H HE1  . TYR A 1 13 ? 0.990   -0.071  -8.749  1.00 0.83 ? 13 TYR A HE1  1 
ATOM 187 H HE2  . TYR A 1 13 ? 0.287   -1.060  -4.629  1.00 0.80 ? 13 TYR A HE2  1 
ATOM 188 H HH   . TYR A 1 13 ? 1.014   -2.549  -7.051  1.00 1.28 ? 13 TYR A HH   1 
ATOM 189 N N    . CYS A 1 14 ? -0.744  3.575   -3.987  1.00 0.49 ? 14 CYS A N    1 
ATOM 190 C CA   . CYS A 1 14 ? -2.001  3.130   -3.310  1.00 0.51 ? 14 CYS A CA   1 
ATOM 191 C C    . CYS A 1 14 ? -2.790  4.343   -2.800  1.00 0.54 ? 14 CYS A C    1 
ATOM 192 O O    . CYS A 1 14 ? -2.322  5.094   -1.964  1.00 0.57 ? 14 CYS A O    1 
ATOM 193 C CB   . CYS A 1 14 ? -1.557  2.229   -2.144  1.00 0.50 ? 14 CYS A CB   1 
ATOM 194 S SG   . CYS A 1 14 ? -0.280  3.049   -1.149  1.00 0.62 ? 14 CYS A SG   1 
ATOM 195 H H    . CYS A 1 14 ? 0.077   3.691   -3.467  1.00 0.50 ? 14 CYS A H    1 
ATOM 196 H HA   . CYS A 1 14 ? -2.607  2.559   -3.997  1.00 0.53 ? 14 CYS A HA   1 
ATOM 197 H HB2  . CYS A 1 14 ? -2.410  2.013   -1.517  1.00 0.62 ? 14 CYS A HB2  1 
ATOM 198 H HB3  . CYS A 1 14 ? -1.165  1.304   -2.541  1.00 0.58 ? 14 CYS A HB3  1 
ATOM 199 H HG   . CYS A 1 14 ? -0.663  3.842   -0.768  1.00 1.12 ? 14 CYS A HG   1 
ATOM 200 N N    . LEU A 1 15 ? -3.986  4.540   -3.304  1.00 0.56 ? 15 LEU A N    1 
ATOM 201 C CA   . LEU A 1 15 ? -4.814  5.709   -2.855  1.00 0.62 ? 15 LEU A CA   1 
ATOM 202 C C    . LEU A 1 15 ? -5.686  5.317   -1.654  1.00 0.60 ? 15 LEU A C    1 
ATOM 203 O O    . LEU A 1 15 ? -5.856  6.086   -0.726  1.00 0.67 ? 15 LEU A O    1 
ATOM 204 C CB   . LEU A 1 15 ? -5.725  6.088   -4.038  1.00 0.64 ? 15 LEU A CB   1 
ATOM 205 C CG   . LEU A 1 15 ? -4.941  6.209   -5.353  1.00 0.67 ? 15 LEU A CG   1 
ATOM 206 C CD1  . LEU A 1 15 ? -5.773  7.005   -6.361  1.00 0.73 ? 15 LEU A CD1  1 
ATOM 207 C CD2  . LEU A 1 15 ? -3.608  6.930   -5.120  1.00 0.73 ? 15 LEU A CD2  1 
ATOM 208 H H    . LEU A 1 15 ? -4.338  3.920   -3.977  1.00 0.57 ? 15 LEU A H    1 
ATOM 209 H HA   . LEU A 1 15 ? -4.179  6.543   -2.599  1.00 0.67 ? 15 LEU A HA   1 
ATOM 210 H HB2  . LEU A 1 15 ? -6.480  5.328   -4.154  1.00 0.62 ? 15 LEU A HB2  1 
ATOM 211 H HB3  . LEU A 1 15 ? -6.205  7.031   -3.825  1.00 0.68 ? 15 LEU A HB3  1 
ATOM 212 H HG   . LEU A 1 15 ? -4.762  5.222   -5.749  1.00 0.66 ? 15 LEU A HG   1 
ATOM 213 H HD11 . LEU A 1 15 ? -5.241  7.066   -7.299  1.00 1.23 ? 15 LEU A HD11 1 
ATOM 214 H HD12 . LEU A 1 15 ? -5.944  8.001   -5.980  1.00 1.27 ? 15 LEU A HD12 1 
ATOM 215 H HD13 . LEU A 1 15 ? -6.721  6.511   -6.517  1.00 1.27 ? 15 LEU A HD13 1 
ATOM 216 H HD21 . LEU A 1 15 ? -3.208  7.263   -6.066  1.00 1.39 ? 15 LEU A HD21 1 
ATOM 217 H HD22 . LEU A 1 15 ? -2.907  6.253   -4.653  1.00 1.09 ? 15 LEU A HD22 1 
ATOM 218 H HD23 . LEU A 1 15 ? -3.767  7.782   -4.476  1.00 1.29 ? 15 LEU A HD23 1 
ATOM 219 N N    . HIS A 1 16 ? -6.258  4.135   -1.681  1.00 0.55 ? 16 HIS A N    1 
ATOM 220 C CA   . HIS A 1 16 ? -7.146  3.691   -0.561  1.00 0.55 ? 16 HIS A CA   1 
ATOM 221 C C    . HIS A 1 16 ? -6.498  2.522   0.188   1.00 0.54 ? 16 HIS A C    1 
ATOM 222 O O    . HIS A 1 16 ? -6.764  1.368   -0.092  1.00 0.55 ? 16 HIS A O    1 
ATOM 223 C CB   . HIS A 1 16 ? -8.458  3.257   -1.242  1.00 0.54 ? 16 HIS A CB   1 
ATOM 224 C CG   . HIS A 1 16 ? -8.886  4.317   -2.227  1.00 0.57 ? 16 HIS A CG   1 
ATOM 225 N ND1  . HIS A 1 16 ? -8.382  4.359   -3.515  1.00 0.56 ? 16 HIS A ND1  1 
ATOM 226 C CD2  . HIS A 1 16 ? -9.719  5.403   -2.115  1.00 0.64 ? 16 HIS A CD2  1 
ATOM 227 C CE1  . HIS A 1 16 ? -8.898  5.438   -4.122  1.00 0.61 ? 16 HIS A CE1  1 
ATOM 228 N NE2  . HIS A 1 16 ? -9.725  6.111   -3.316  1.00 0.66 ? 16 HIS A NE2  1 
ATOM 229 H H    . HIS A 1 16 ? -6.118  3.541   -2.450  1.00 0.52 ? 16 HIS A H    1 
ATOM 230 H HA   . HIS A 1 16 ? -7.337  4.510   0.115   1.00 0.59 ? 16 HIS A HA   1 
ATOM 231 H HB2  . HIS A 1 16 ? -8.299  2.325   -1.767  1.00 0.51 ? 16 HIS A HB2  1 
ATOM 232 H HB3  . HIS A 1 16 ? -9.230  3.121   -0.499  1.00 0.57 ? 16 HIS A HB3  1 
ATOM 233 H HD1  . HIS A 1 16 ? -7.760  3.717   -3.912  1.00 0.53 ? 16 HIS A HD1  1 
ATOM 234 H HD2  . HIS A 1 16 ? -10.284 5.666   -1.233  1.00 0.68 ? 16 HIS A HD2  1 
ATOM 235 H HE1  . HIS A 1 16 ? -8.649  5.737   -5.132  1.00 0.63 ? 16 HIS A HE1  1 
ATOM 236 N N    . GLY A 1 17 ? -5.642  2.816   1.135   1.00 0.56 ? 17 GLY A N    1 
ATOM 237 C CA   . GLY A 1 17 ? -4.968  1.727   1.904   1.00 0.57 ? 17 GLY A CA   1 
ATOM 238 C C    . GLY A 1 17 ? -3.927  2.325   2.859   1.00 0.60 ? 17 GLY A C    1 
ATOM 239 O O    . GLY A 1 17 ? -4.114  3.401   3.399   1.00 0.78 ? 17 GLY A O    1 
ATOM 240 H H    . GLY A 1 17 ? -5.441  3.754   1.337   1.00 0.59 ? 17 GLY A H    1 
ATOM 241 H HA2  . GLY A 1 17 ? -5.707  1.181   2.473   1.00 0.61 ? 17 GLY A HA2  1 
ATOM 242 H HA3  . GLY A 1 17 ? -4.476  1.057   1.217   1.00 0.54 ? 17 GLY A HA3  1 
ATOM 243 N N    . GLN A 1 18 ? -2.834  1.631   3.072   1.00 0.61 ? 18 GLN A N    1 
ATOM 244 C CA   . GLN A 1 18 ? -1.772  2.145   3.995   1.00 0.67 ? 18 GLN A CA   1 
ATOM 245 C C    . GLN A 1 18 ? -0.384  1.922   3.386   1.00 0.56 ? 18 GLN A C    1 
ATOM 246 O O    . GLN A 1 18 ? -0.129  0.912   2.754   1.00 0.55 ? 18 GLN A O    1 
ATOM 247 C CB   . GLN A 1 18 ? -1.925  1.324   5.279   1.00 0.77 ? 18 GLN A CB   1 
ATOM 248 C CG   . GLN A 1 18 ? -3.140  1.820   6.067   1.00 1.32 ? 18 GLN A CG   1 
ATOM 249 C CD   . GLN A 1 18 ? -3.103  1.234   7.481   1.00 1.75 ? 18 GLN A CD   1 
ATOM 250 O OE1  . GLN A 1 18 ? -3.563  0.131   7.705   1.00 2.38 ? 18 GLN A OE1  1 
ATOM 251 N NE2  . GLN A 1 18 ? -2.569  1.927   8.450   1.00 2.29 ? 18 GLN A NE2  1 
ATOM 252 H H    . GLN A 1 18 ? -2.711  0.765   2.625   1.00 0.71 ? 18 GLN A H    1 
ATOM 253 H HA   . GLN A 1 18 ? -1.928  3.191   4.205   1.00 0.77 ? 18 GLN A HA   1 
ATOM 254 H HB2  . GLN A 1 18 ? -2.061  0.282   5.025   1.00 1.05 ? 18 GLN A HB2  1 
ATOM 255 H HB3  . GLN A 1 18 ? -1.037  1.434   5.883   1.00 1.01 ? 18 GLN A HB3  1 
ATOM 256 H HG2  . GLN A 1 18 ? -3.117  2.898   6.123   1.00 1.84 ? 18 GLN A HG2  1 
ATOM 257 H HG3  . GLN A 1 18 ? -4.045  1.502   5.572   1.00 1.80 ? 18 GLN A HG3  1 
ATOM 258 H HE21 . GLN A 1 18 ? -2.197  2.816   8.272   1.00 2.56 ? 18 GLN A HE21 1 
ATOM 259 H HE22 . GLN A 1 18 ? -2.540  1.558   9.357   1.00 2.81 ? 18 GLN A HE22 1 
ATOM 260 N N    . CYS A 1 19 ? 0.518   2.855   3.579   1.00 0.57 ? 19 CYS A N    1 
ATOM 261 C CA   . CYS A 1 19 ? 1.895   2.699   3.019   1.00 0.52 ? 19 CYS A CA   1 
ATOM 262 C C    . CYS A 1 19 ? 2.841   2.135   4.087   1.00 0.47 ? 19 CYS A C    1 
ATOM 263 O O    . CYS A 1 19 ? 3.015   2.710   5.147   1.00 0.51 ? 19 CYS A O    1 
ATOM 264 C CB   . CYS A 1 19 ? 2.326   4.107   2.601   1.00 0.65 ? 19 CYS A CB   1 
ATOM 265 S SG   . CYS A 1 19 ? 3.636   3.989   1.356   1.00 0.79 ? 19 CYS A SG   1 
ATOM 266 H H    . CYS A 1 19 ? 0.288   3.656   4.097   1.00 0.67 ? 19 CYS A H    1 
ATOM 267 H HA   . CYS A 1 19 ? 1.876   2.051   2.156   1.00 0.49 ? 19 CYS A HA   1 
ATOM 268 H HB2  . CYS A 1 19 ? 1.481   4.635   2.185   1.00 0.78 ? 19 CYS A HB2  1 
ATOM 269 H HB3  . CYS A 1 19 ? 2.696   4.642   3.463   1.00 0.68 ? 19 CYS A HB3  1 
ATOM 270 H HG   . CYS A 1 19 ? 3.240   3.687   0.535   1.00 1.09 ? 19 CYS A HG   1 
ATOM 271 N N    . ILE A 1 20 ? 3.449   1.008   3.808   1.00 0.45 ? 20 ILE A N    1 
ATOM 272 C CA   . ILE A 1 20 ? 4.391   0.378   4.790   1.00 0.46 ? 20 ILE A CA   1 
ATOM 273 C C    . ILE A 1 20 ? 5.662   -0.106  4.063   1.00 0.43 ? 20 ILE A C    1 
ATOM 274 O O    . ILE A 1 20 ? 5.906   0.252   2.925   1.00 0.49 ? 20 ILE A O    1 
ATOM 275 C CB   . ILE A 1 20 ? 3.617   -0.807  5.399   1.00 0.52 ? 20 ILE A CB   1 
ATOM 276 C CG1  . ILE A 1 20 ? 3.072   -1.693  4.286   1.00 0.85 ? 20 ILE A CG1  1 
ATOM 277 C CG2  . ILE A 1 20 ? 2.450   -0.297  6.248   1.00 1.02 ? 20 ILE A CG2  1 
ATOM 278 C CD1  . ILE A 1 20 ? 2.429   -2.946  4.888   1.00 1.39 ? 20 ILE A CD1  1 
ATOM 279 H H    . ILE A 1 20 ? 3.287   0.571   2.946   1.00 0.48 ? 20 ILE A H    1 
ATOM 280 H HA   . ILE A 1 20 ? 4.651   1.082   5.565   1.00 0.52 ? 20 ILE A HA   1 
ATOM 281 H HB   . ILE A 1 20 ? 4.280   -1.389  6.016   1.00 1.05 ? 20 ILE A HB   1 
ATOM 282 H HG12 . ILE A 1 20 ? 2.334   -1.141  3.721   1.00 1.43 ? 20 ILE A HG12 1 
ATOM 283 H HG13 . ILE A 1 20 ? 3.886   -1.980  3.640   1.00 1.54 ? 20 ILE A HG13 1 
ATOM 284 H HG21 . ILE A 1 20 ? 2.809   0.445   6.945   1.00 1.57 ? 20 ILE A HG21 1 
ATOM 285 H HG22 . ILE A 1 20 ? 2.015   -1.124  6.792   1.00 1.53 ? 20 ILE A HG22 1 
ATOM 286 H HG23 . ILE A 1 20 ? 1.702   0.141   5.603   1.00 1.61 ? 20 ILE A HG23 1 
ATOM 287 H HD11 . ILE A 1 20 ? 2.402   -2.859  5.964   1.00 1.90 ? 20 ILE A HD11 1 
ATOM 288 H HD12 . ILE A 1 20 ? 3.008   -3.815  4.612   1.00 1.91 ? 20 ILE A HD12 1 
ATOM 289 H HD13 . ILE A 1 20 ? 1.422   -3.050  4.509   1.00 1.98 ? 20 ILE A HD13 1 
ATOM 290 N N    . TYR A 1 21 ? 6.475   -0.908  4.712   1.00 0.42 ? 21 TYR A N    1 
ATOM 291 C CA   . TYR A 1 21 ? 7.730   -1.402  4.062   1.00 0.41 ? 21 TYR A CA   1 
ATOM 292 C C    . TYR A 1 21 ? 8.043   -2.837  4.514   1.00 0.39 ? 21 TYR A C    1 
ATOM 293 O O    . TYR A 1 21 ? 7.961   -3.159  5.685   1.00 0.47 ? 21 TYR A O    1 
ATOM 294 C CB   . TYR A 1 21 ? 8.819   -0.426  4.533   1.00 0.48 ? 21 TYR A CB   1 
ATOM 295 C CG   . TYR A 1 21 ? 10.190  -1.015  4.285   1.00 0.50 ? 21 TYR A CG   1 
ATOM 296 C CD1  . TYR A 1 21 ? 10.787  -1.825  5.258   1.00 0.52 ? 21 TYR A CD1  1 
ATOM 297 C CD2  . TYR A 1 21 ? 10.863  -0.748  3.087   1.00 0.56 ? 21 TYR A CD2  1 
ATOM 298 C CE1  . TYR A 1 21 ? 12.058  -2.370  5.031   1.00 0.57 ? 21 TYR A CE1  1 
ATOM 299 C CE2  . TYR A 1 21 ? 12.131  -1.292  2.860   1.00 0.61 ? 21 TYR A CE2  1 
ATOM 300 C CZ   . TYR A 1 21 ? 12.729  -2.103  3.832   1.00 0.60 ? 21 TYR A CZ   1 
ATOM 301 O OH   . TYR A 1 21 ? 13.981  -2.639  3.610   1.00 0.68 ? 21 TYR A OH   1 
ATOM 302 H H    . TYR A 1 21 ? 6.265   -1.179  5.631   1.00 0.46 ? 21 TYR A H    1 
ATOM 303 H HA   . TYR A 1 21 ? 7.641   -1.361  2.989   1.00 0.43 ? 21 TYR A HA   1 
ATOM 304 H HB2  . TYR A 1 21 ? 8.725   0.504   3.992   1.00 0.54 ? 21 TYR A HB2  1 
ATOM 305 H HB3  . TYR A 1 21 ? 8.695   -0.238  5.589   1.00 0.52 ? 21 TYR A HB3  1 
ATOM 306 H HD1  . TYR A 1 21 ? 10.263  -2.032  6.183   1.00 0.55 ? 21 TYR A HD1  1 
ATOM 307 H HD2  . TYR A 1 21 ? 10.402  -0.122  2.337   1.00 0.60 ? 21 TYR A HD2  1 
ATOM 308 H HE1  . TYR A 1 21 ? 12.519  -2.997  5.780   1.00 0.62 ? 21 TYR A HE1  1 
ATOM 309 H HE2  . TYR A 1 21 ? 12.649  -1.088  1.935   1.00 0.69 ? 21 TYR A HE2  1 
ATOM 310 H HH   . TYR A 1 21 ? 14.633  -2.027  3.959   1.00 0.91 ? 21 TYR A HH   1 
ATOM 311 N N    . LEU A 1 22 ? 8.407   -3.696  3.592   1.00 0.39 ? 22 LEU A N    1 
ATOM 312 C CA   . LEU A 1 22 ? 8.733   -5.110  3.965   1.00 0.41 ? 22 LEU A CA   1 
ATOM 313 C C    . LEU A 1 22 ? 10.222  -5.255  4.302   1.00 0.46 ? 22 LEU A C    1 
ATOM 314 O O    . LEU A 1 22 ? 11.082  -4.822  3.556   1.00 0.50 ? 22 LEU A O    1 
ATOM 315 C CB   . LEU A 1 22 ? 8.375   -5.945  2.731   1.00 0.48 ? 22 LEU A CB   1 
ATOM 316 C CG   . LEU A 1 22 ? 7.072   -6.712  2.976   1.00 0.58 ? 22 LEU A CG   1 
ATOM 317 C CD1  . LEU A 1 22 ? 7.313   -7.837  3.987   1.00 1.21 ? 22 LEU A CD1  1 
ATOM 318 C CD2  . LEU A 1 22 ? 6.001   -5.761  3.520   1.00 0.77 ? 22 LEU A CD2  1 
ATOM 319 H H    . LEU A 1 22 ? 8.468   -3.411  2.653   1.00 0.43 ? 22 LEU A H    1 
ATOM 320 H HA   . LEU A 1 22 ? 8.131   -5.422  4.804   1.00 0.40 ? 22 LEU A HA   1 
ATOM 321 H HB2  . LEU A 1 22 ? 8.253   -5.294  1.877   1.00 0.52 ? 22 LEU A HB2  1 
ATOM 322 H HB3  . LEU A 1 22 ? 9.169   -6.650  2.530   1.00 0.57 ? 22 LEU A HB3  1 
ATOM 323 H HG   . LEU A 1 22 ? 6.734   -7.135  2.045   1.00 1.06 ? 22 LEU A HG   1 
ATOM 324 H HD11 . LEU A 1 22 ? 6.642   -8.656  3.778   1.00 1.69 ? 22 LEU A HD11 1 
ATOM 325 H HD12 . LEU A 1 22 ? 7.133   -7.467  4.986   1.00 1.82 ? 22 LEU A HD12 1 
ATOM 326 H HD13 . LEU A 1 22 ? 8.335   -8.179  3.909   1.00 1.66 ? 22 LEU A HD13 1 
ATOM 327 H HD21 . LEU A 1 22 ? 5.988   -4.858  2.926   1.00 1.42 ? 22 LEU A HD21 1 
ATOM 328 H HD22 . LEU A 1 22 ? 6.226   -5.514  4.548   1.00 1.41 ? 22 LEU A HD22 1 
ATOM 329 H HD23 . LEU A 1 22 ? 5.034   -6.241  3.466   1.00 1.29 ? 22 LEU A HD23 1 
ATOM 330 N N    . VAL A 1 23 ? 10.529  -5.869  5.421   1.00 0.50 ? 23 VAL A N    1 
ATOM 331 C CA   . VAL A 1 23 ? 11.964  -6.056  5.822   1.00 0.58 ? 23 VAL A CA   1 
ATOM 332 C C    . VAL A 1 23 ? 12.529  -7.369  5.252   1.00 0.65 ? 23 VAL A C    1 
ATOM 333 O O    . VAL A 1 23 ? 13.720  -7.490  5.035   1.00 0.71 ? 23 VAL A O    1 
ATOM 334 C CB   . VAL A 1 23 ? 11.965  -6.075  7.358   1.00 0.64 ? 23 VAL A CB   1 
ATOM 335 C CG1  . VAL A 1 23 ? 11.383  -7.396  7.879   1.00 0.76 ? 23 VAL A CG1  1 
ATOM 336 C CG2  . VAL A 1 23 ? 13.402  -5.919  7.865   1.00 0.84 ? 23 VAL A CG2  1 
ATOM 337 H H    . VAL A 1 23 ? 9.813   -6.213  5.997   1.00 0.51 ? 23 VAL A H    1 
ATOM 338 H HA   . VAL A 1 23 ? 12.553  -5.222  5.472   1.00 0.59 ? 23 VAL A HA   1 
ATOM 339 H HB   . VAL A 1 23 ? 11.367  -5.255  7.723   1.00 0.65 ? 23 VAL A HB   1 
ATOM 340 H HG11 . VAL A 1 23 ? 10.384  -7.529  7.490   1.00 1.37 ? 23 VAL A HG11 1 
ATOM 341 H HG12 . VAL A 1 23 ? 11.348  -7.373  8.958   1.00 1.20 ? 23 VAL A HG12 1 
ATOM 342 H HG13 . VAL A 1 23 ? 12.008  -8.217  7.558   1.00 1.30 ? 23 VAL A HG13 1 
ATOM 343 H HG21 . VAL A 1 23 ? 13.874  -6.889  7.917   1.00 1.36 ? 23 VAL A HG21 1 
ATOM 344 H HG22 . VAL A 1 23 ? 13.391  -5.471  8.848   1.00 1.31 ? 23 VAL A HG22 1 
ATOM 345 H HG23 . VAL A 1 23 ? 13.956  -5.285  7.187   1.00 1.40 ? 23 VAL A HG23 1 
ATOM 346 N N    . ASP A 1 24 ? 11.687  -8.346  4.993   1.00 0.67 ? 24 ASP A N    1 
ATOM 347 C CA   . ASP A 1 24 ? 12.188  -9.639  4.421   1.00 0.77 ? 24 ASP A CA   1 
ATOM 348 C C    . ASP A 1 24 ? 12.449  -9.463  2.918   1.00 0.77 ? 24 ASP A C    1 
ATOM 349 O O    . ASP A 1 24 ? 13.271  -10.146 2.336   1.00 0.86 ? 24 ASP A O    1 
ATOM 350 C CB   . ASP A 1 24 ? 11.068  -10.662 4.657   1.00 0.83 ? 24 ASP A CB   1 
ATOM 351 C CG   . ASP A 1 24 ? 10.855  -10.864 6.162   1.00 1.63 ? 24 ASP A CG   1 
ATOM 352 O OD1  . ASP A 1 24 ? 11.594  -11.638 6.747   1.00 2.41 ? 24 ASP A OD1  1 
ATOM 353 O OD2  . ASP A 1 24 ? 9.955   -10.241 6.701   1.00 2.29 ? 24 ASP A OD2  1 
ATOM 354 H H    . ASP A 1 24 ? 10.729  -8.224  5.165   1.00 0.64 ? 24 ASP A H    1 
ATOM 355 H HA   . ASP A 1 24 ? 13.089  -9.951  4.926   1.00 0.84 ? 24 ASP A HA   1 
ATOM 356 H HB2  . ASP A 1 24 ? 10.152  -10.305 4.208   1.00 1.30 ? 24 ASP A HB2  1 
ATOM 357 H HB3  . ASP A 1 24 ? 11.344  -11.605 4.208   1.00 1.30 ? 24 ASP A HB3  1 
ATOM 358 N N    . MET A 1 25 ? 11.772  -8.524  2.304   1.00 0.71 ? 25 MET A N    1 
ATOM 359 C CA   . MET A 1 25 ? 11.970  -8.243  0.857   1.00 0.75 ? 25 MET A CA   1 
ATOM 360 C C    . MET A 1 25 ? 11.952  -6.723  0.674   1.00 0.69 ? 25 MET A C    1 
ATOM 361 O O    . MET A 1 25 ? 11.040  -6.172  0.092   1.00 0.67 ? 25 MET A O    1 
ATOM 362 C CB   . MET A 1 25 ? 10.790  -8.912  0.144   1.00 0.80 ? 25 MET A CB   1 
ATOM 363 C CG   . MET A 1 25 ? 11.246  -9.435  -1.220  1.00 1.16 ? 25 MET A CG   1 
ATOM 364 S SD   . MET A 1 25 ? 9.814   -10.049 -2.141  1.00 1.63 ? 25 MET A SD   1 
ATOM 365 C CE   . MET A 1 25 ? 10.031  -11.804 -1.760  1.00 2.27 ? 25 MET A CE   1 
ATOM 366 H H    . MET A 1 25 ? 11.137  -7.977  2.809   1.00 0.66 ? 25 MET A H    1 
ATOM 367 H HA   . MET A 1 25 ? 12.905  -8.658  0.512   1.00 0.83 ? 25 MET A HA   1 
ATOM 368 H HB2  . MET A 1 25 ? 10.428  -9.735  0.744   1.00 1.01 ? 25 MET A HB2  1 
ATOM 369 H HB3  . MET A 1 25 ? 9.996   -8.193  0.006   1.00 0.93 ? 25 MET A HB3  1 
ATOM 370 H HG2  . MET A 1 25 ? 11.715  -8.635  -1.774  1.00 1.61 ? 25 MET A HG2  1 
ATOM 371 H HG3  . MET A 1 25 ? 11.955  -10.237 -1.078  1.00 1.75 ? 25 MET A HG3  1 
ATOM 372 H HE1  . MET A 1 25 ? 9.380   -12.392 -2.393  1.00 2.57 ? 25 MET A HE1  1 
ATOM 373 H HE2  . MET A 1 25 ? 9.780   -11.983 -0.727  1.00 2.72 ? 25 MET A HE2  1 
ATOM 374 H HE3  . MET A 1 25 ? 11.060  -12.085 -1.934  1.00 2.77 ? 25 MET A HE3  1 
ATOM 375 N N    . SER A 1 26 ? 12.955  -6.061  1.219   1.00 0.68 ? 26 SER A N    1 
ATOM 376 C CA   . SER A 1 26 ? 13.067  -4.558  1.165   1.00 0.67 ? 26 SER A CA   1 
ATOM 377 C C    . SER A 1 26 ? 12.391  -3.966  -0.077  1.00 0.70 ? 26 SER A C    1 
ATOM 378 O O    . SER A 1 26 ? 12.965  -3.890  -1.149  1.00 0.79 ? 26 SER A O    1 
ATOM 379 C CB   . SER A 1 26 ? 14.573  -4.270  1.154   1.00 0.76 ? 26 SER A CB   1 
ATOM 380 O OG   . SER A 1 26 ? 15.201  -5.030  0.127   1.00 0.92 ? 26 SER A OG   1 
ATOM 381 H H    . SER A 1 26 ? 13.636  -6.564  1.705   1.00 0.72 ? 26 SER A H    1 
ATOM 382 H HA   . SER A 1 26 ? 12.634  -4.130  2.054   1.00 0.62 ? 26 SER A HA   1 
ATOM 383 H HB2  . SER A 1 26 ? 14.739  -3.223  0.971   1.00 0.88 ? 26 SER A HB2  1 
ATOM 384 H HB3  . SER A 1 26 ? 14.992  -4.533  2.119   1.00 0.88 ? 26 SER A HB3  1 
ATOM 385 H HG   . SER A 1 26 ? 16.075  -4.663  -0.024  1.00 1.28 ? 26 SER A HG   1 
ATOM 386 N N    . GLN A 1 27 ? 11.158  -3.557  0.081   1.00 0.65 ? 27 GLN A N    1 
ATOM 387 C CA   . GLN A 1 27 ? 10.386  -2.973  -1.048  1.00 0.71 ? 27 GLN A CA   1 
ATOM 388 C C    . GLN A 1 27 ? 9.211   -2.156  -0.494  1.00 0.65 ? 27 GLN A C    1 
ATOM 389 O O    . GLN A 1 27 ? 8.648   -2.489  0.536   1.00 0.63 ? 27 GLN A O    1 
ATOM 390 C CB   . GLN A 1 27 ? 9.885   -4.187  -1.839  1.00 0.77 ? 27 GLN A CB   1 
ATOM 391 C CG   . GLN A 1 27 ? 8.763   -3.762  -2.784  1.00 1.23 ? 27 GLN A CG   1 
ATOM 392 C CD   . GLN A 1 27 ? 8.893   -4.513  -4.110  1.00 1.67 ? 27 GLN A CD   1 
ATOM 393 O OE1  . GLN A 1 27 ? 9.545   -4.048  -5.024  1.00 2.15 ? 27 GLN A OE1  1 
ATOM 394 N NE2  . GLN A 1 27 ? 8.298   -5.667  -4.256  1.00 2.23 ? 27 GLN A NE2  1 
ATOM 395 H H    . GLN A 1 27 ? 10.731  -3.648  0.955   1.00 0.58 ? 27 GLN A H    1 
ATOM 396 H HA   . GLN A 1 27 ? 11.021  -2.359  -1.668  1.00 0.79 ? 27 GLN A HA   1 
ATOM 397 H HB2  . GLN A 1 27 ? 10.701  -4.604  -2.412  1.00 1.17 ? 27 GLN A HB2  1 
ATOM 398 H HB3  . GLN A 1 27 ? 9.510   -4.933  -1.154  1.00 1.11 ? 27 GLN A HB3  1 
ATOM 399 H HG2  . GLN A 1 27 ? 7.808   -3.989  -2.332  1.00 1.66 ? 27 GLN A HG2  1 
ATOM 400 H HG3  . GLN A 1 27 ? 8.833   -2.702  -2.961  1.00 1.55 ? 27 GLN A HG3  1 
ATOM 401 H HE21 . GLN A 1 27 ? 7.771   -6.045  -3.519  1.00 2.62 ? 27 GLN A HE21 1 
ATOM 402 H HE22 . GLN A 1 27 ? 8.377   -6.155  -5.101  1.00 2.60 ? 27 GLN A HE22 1 
ATOM 403 N N    . ASN A 1 28 ? 8.832   -1.097  -1.170  1.00 0.69 ? 28 ASN A N    1 
ATOM 404 C CA   . ASN A 1 28 ? 7.686   -0.268  -0.683  1.00 0.66 ? 28 ASN A CA   1 
ATOM 405 C C    . ASN A 1 28 ? 6.394   -1.093  -0.752  1.00 0.63 ? 28 ASN A C    1 
ATOM 406 O O    . ASN A 1 28 ? 5.879   -1.375  -1.819  1.00 0.90 ? 28 ASN A O    1 
ATOM 407 C CB   . ASN A 1 28 ? 7.619   0.942   -1.626  1.00 0.77 ? 28 ASN A CB   1 
ATOM 408 C CG   . ASN A 1 28 ? 7.151   2.179   -0.850  1.00 1.56 ? 28 ASN A CG   1 
ATOM 409 O OD1  . ASN A 1 28 ? 7.794   2.598   0.092   1.00 2.37 ? 28 ASN A OD1  1 
ATOM 410 N ND2  . ASN A 1 28 ? 6.052   2.786   -1.211  1.00 2.25 ? 28 ASN A ND2  1 
ATOM 411 H H    . ASN A 1 28 ? 9.298   -0.852  -1.998  1.00 0.79 ? 28 ASN A H    1 
ATOM 412 H HA   . ASN A 1 28 ? 7.867   0.058   0.330   1.00 0.61 ? 28 ASN A HA   1 
ATOM 413 H HB2  . ASN A 1 28 ? 8.600   1.128   -2.041  1.00 1.20 ? 28 ASN A HB2  1 
ATOM 414 H HB3  . ASN A 1 28 ? 6.924   0.737   -2.426  1.00 1.29 ? 28 ASN A HB3  1 
ATOM 415 H HD21 . ASN A 1 28 ? 5.532   2.451   -1.972  1.00 2.44 ? 28 ASN A HD21 1 
ATOM 416 H HD22 . ASN A 1 28 ? 5.748   3.578   -0.721  1.00 2.99 ? 28 ASN A HD22 1 
ATOM 417 N N    . TYR A 1 29 ? 5.883   -1.491  0.383   1.00 0.49 ? 29 TYR A N    1 
ATOM 418 C CA   . TYR A 1 29 ? 4.638   -2.313  0.415   1.00 0.47 ? 29 TYR A CA   1 
ATOM 419 C C    . TYR A 1 29 ? 3.415   -1.416  0.640   1.00 0.46 ? 29 TYR A C    1 
ATOM 420 O O    . TYR A 1 29 ? 3.432   -0.530  1.472   1.00 0.66 ? 29 TYR A O    1 
ATOM 421 C CB   . TYR A 1 29 ? 4.850   -3.264  1.595   1.00 0.46 ? 29 TYR A CB   1 
ATOM 422 C CG   . TYR A 1 29 ? 3.741   -4.292  1.659   1.00 0.48 ? 29 TYR A CG   1 
ATOM 423 C CD1  . TYR A 1 29 ? 2.462   -3.922  2.088   1.00 0.47 ? 29 TYR A CD1  1 
ATOM 424 C CD2  . TYR A 1 29 ? 4.001   -5.622  1.311   1.00 0.59 ? 29 TYR A CD2  1 
ATOM 425 C CE1  . TYR A 1 29 ? 1.445   -4.873  2.170   1.00 0.55 ? 29 TYR A CE1  1 
ATOM 426 C CE2  . TYR A 1 29 ? 2.985   -6.578  1.395   1.00 0.67 ? 29 TYR A CE2  1 
ATOM 427 C CZ   . TYR A 1 29 ? 1.704   -6.205  1.824   1.00 0.64 ? 29 TYR A CZ   1 
ATOM 428 O OH   . TYR A 1 29 ? 0.701   -7.148  1.908   1.00 0.76 ? 29 TYR A OH   1 
ATOM 429 H H    . TYR A 1 29 ? 6.329   -1.255  1.224   1.00 0.59 ? 29 TYR A H    1 
ATOM 430 H HA   . TYR A 1 29 ? 4.534   -2.880  -0.495  1.00 0.53 ? 29 TYR A HA   1 
ATOM 431 H HB2  . TYR A 1 29 ? 5.797   -3.771  1.475   1.00 0.51 ? 29 TYR A HB2  1 
ATOM 432 H HB3  . TYR A 1 29 ? 4.866   -2.697  2.511   1.00 0.46 ? 29 TYR A HB3  1 
ATOM 433 H HD1  . TYR A 1 29 ? 2.258   -2.899  2.353   1.00 0.46 ? 29 TYR A HD1  1 
ATOM 434 H HD2  . TYR A 1 29 ? 4.989   -5.910  0.981   1.00 0.65 ? 29 TYR A HD2  1 
ATOM 435 H HE1  . TYR A 1 29 ? 0.462   -4.578  2.507   1.00 0.59 ? 29 TYR A HE1  1 
ATOM 436 H HE2  . TYR A 1 29 ? 3.189   -7.604  1.131   1.00 0.79 ? 29 TYR A HE2  1 
ATOM 437 H HH   . TYR A 1 29 ? 0.637   -7.432  2.823   1.00 1.31 ? 29 TYR A HH   1 
ATOM 438 N N    . CYS A 1 30 ? 2.354   -1.646  -0.095  1.00 0.46 ? 30 CYS A N    1 
ATOM 439 C CA   . CYS A 1 30 ? 1.123   -0.815  0.075   1.00 0.48 ? 30 CYS A CA   1 
ATOM 440 C C    . CYS A 1 30 ? -0.105  -1.719  0.232   1.00 0.46 ? 30 CYS A C    1 
ATOM 441 O O    . CYS A 1 30 ? -0.559  -2.331  -0.717  1.00 0.47 ? 30 CYS A O    1 
ATOM 442 C CB   . CYS A 1 30 ? 1.008   0.018   -1.205  1.00 0.52 ? 30 CYS A CB   1 
ATOM 443 S SG   . CYS A 1 30 ? 1.864   1.599   -0.981  1.00 0.59 ? 30 CYS A SG   1 
ATOM 444 H H    . CYS A 1 30 ? 2.366   -2.369  -0.755  1.00 0.62 ? 30 CYS A H    1 
ATOM 445 H HA   . CYS A 1 30 ? 1.216   -0.164  0.932   1.00 0.50 ? 30 CYS A HA   1 
ATOM 446 H HB2  . CYS A 1 30 ? 1.452   -0.519  -2.030  1.00 0.55 ? 30 CYS A HB2  1 
ATOM 447 H HB3  . CYS A 1 30 ? -0.034  0.208   -1.415  1.00 0.55 ? 30 CYS A HB3  1 
ATOM 448 H HG   . CYS A 1 30 ? 2.773   1.412   -0.735  1.00 1.07 ? 30 CYS A HG   1 
ATOM 449 N N    . ARG A 1 31 ? -0.652  -1.796  1.422   1.00 0.48 ? 31 ARG A N    1 
ATOM 450 C CA   . ARG A 1 31 ? -1.862  -2.648  1.635   1.00 0.49 ? 31 ARG A CA   1 
ATOM 451 C C    . ARG A 1 31 ? -3.097  -1.889  1.141   1.00 0.50 ? 31 ARG A C    1 
ATOM 452 O O    . ARG A 1 31 ? -3.433  -0.839  1.653   1.00 0.59 ? 31 ARG A O    1 
ATOM 453 C CB   . ARG A 1 31 ? -1.934  -2.898  3.151   1.00 0.54 ? 31 ARG A CB   1 
ATOM 454 C CG   . ARG A 1 31 ? -3.324  -3.426  3.544   1.00 0.59 ? 31 ARG A CG   1 
ATOM 455 C CD   . ARG A 1 31 ? -3.606  -4.753  2.827   1.00 0.66 ? 31 ARG A CD   1 
ATOM 456 N NE   . ARG A 1 31 ? -2.821  -5.780  3.573   1.00 0.88 ? 31 ARG A NE   1 
ATOM 457 C CZ   . ARG A 1 31 ? -3.156  -7.042  3.497   1.00 1.24 ? 31 ARG A CZ   1 
ATOM 458 N NH1  . ARG A 1 31 ? -4.219  -7.474  4.129   1.00 1.86 ? 31 ARG A NH1  1 
ATOM 459 N NH2  . ARG A 1 31 ? -2.430  -7.870  2.791   1.00 1.93 ? 31 ARG A NH2  1 
ATOM 460 H H    . ARG A 1 31 ? -0.274  -1.285  2.168   1.00 0.51 ? 31 ARG A H    1 
ATOM 461 H HA   . ARG A 1 31 ? -1.760  -3.584  1.108   1.00 0.49 ? 31 ARG A HA   1 
ATOM 462 H HB2  . ARG A 1 31 ? -1.185  -3.624  3.429   1.00 0.56 ? 31 ARG A HB2  1 
ATOM 463 H HB3  . ARG A 1 31 ? -1.746  -1.974  3.675   1.00 0.56 ? 31 ARG A HB3  1 
ATOM 464 H HG2  . ARG A 1 31 ? -3.359  -3.580  4.612   1.00 0.80 ? 31 ARG A HG2  1 
ATOM 465 H HG3  . ARG A 1 31 ? -4.075  -2.702  3.263   1.00 0.74 ? 31 ARG A HG3  1 
ATOM 466 H HD2  . ARG A 1 31 ? -4.664  -4.982  2.867   1.00 1.07 ? 31 ARG A HD2  1 
ATOM 467 H HD3  . ARG A 1 31 ? -3.271  -4.705  1.803   1.00 1.05 ? 31 ARG A HD3  1 
ATOM 468 H HE   . ARG A 1 31 ? -2.054  -5.512  4.120   1.00 1.31 ? 31 ARG A HE   1 
ATOM 469 H HH11 . ARG A 1 31 ? -4.774  -6.840  4.668   1.00 2.34 ? 31 ARG A HH11 1 
ATOM 470 H HH12 . ARG A 1 31 ? -4.477  -8.439  4.073   1.00 2.26 ? 31 ARG A HH12 1 
ATOM 471 H HH21 . ARG A 1 31 ? -1.618  -7.537  2.308   1.00 2.40 ? 31 ARG A HH21 1 
ATOM 472 H HH22 . ARG A 1 31 ? -2.683  -8.836  2.733   1.00 2.37 ? 31 ARG A HH22 1 
ATOM 473 N N    . CYS A 1 32 ? -3.765  -2.408  0.143   1.00 0.52 ? 32 CYS A N    1 
ATOM 474 C CA   . CYS A 1 32 ? -4.974  -1.708  -0.396  1.00 0.55 ? 32 CYS A CA   1 
ATOM 475 C C    . CYS A 1 32 ? -6.193  -1.967  0.498   1.00 0.50 ? 32 CYS A C    1 
ATOM 476 O O    . CYS A 1 32 ? -6.143  -2.756  1.426   1.00 0.58 ? 32 CYS A O    1 
ATOM 477 C CB   . CYS A 1 32 ? -5.195  -2.288  -1.797  1.00 0.72 ? 32 CYS A CB   1 
ATOM 478 S SG   . CYS A 1 32 ? -3.844  -1.759  -2.883  1.00 1.15 ? 32 CYS A SG   1 
ATOM 479 H H    . CYS A 1 32 ? -3.466  -3.252  -0.256  1.00 0.58 ? 32 CYS A H    1 
ATOM 480 H HA   . CYS A 1 32 ? -4.787  -0.648  -0.466  1.00 0.65 ? 32 CYS A HA   1 
ATOM 481 H HB2  . CYS A 1 32 ? -5.219  -3.367  -1.748  1.00 0.80 ? 32 CYS A HB2  1 
ATOM 482 H HB3  . CYS A 1 32 ? -6.132  -1.927  -2.191  1.00 0.79 ? 32 CYS A HB3  1 
ATOM 483 H HG   . CYS A 1 32 ? -3.156  -2.428  -2.847  1.00 1.50 ? 32 CYS A HG   1 
ATOM 484 N N    . GLU A 1 33 ? -7.285  -1.300  0.224   1.00 0.47 ? 33 GLU A N    1 
ATOM 485 C CA   . GLU A 1 33 ? -8.515  -1.485  1.042   1.00 0.60 ? 33 GLU A CA   1 
ATOM 486 C C    . GLU A 1 33 ? -9.235  -2.767  0.612   1.00 0.70 ? 33 GLU A C    1 
ATOM 487 O O    . GLU A 1 33 ? -9.458  -2.996  -0.565  1.00 0.76 ? 33 GLU A O    1 
ATOM 488 C CB   . GLU A 1 33 ? -9.364  -0.242  0.744   1.00 0.60 ? 33 GLU A CB   1 
ATOM 489 C CG   . GLU A 1 33 ? -10.790 -0.445  1.262   1.00 0.77 ? 33 GLU A CG   1 
ATOM 490 C CD   . GLU A 1 33 ? -11.732 0.571   0.604   1.00 0.87 ? 33 GLU A CD   1 
ATOM 491 O OE1  . GLU A 1 33 ? -11.515 1.759   0.786   1.00 1.38 ? 33 GLU A OE1  1 
ATOM 492 O OE2  . GLU A 1 33 ? -12.655 0.142   -0.069  1.00 1.46 ? 33 GLU A OE2  1 
ATOM 493 H H    . GLU A 1 33 ? -7.295  -0.670  -0.527  1.00 0.44 ? 33 GLU A H    1 
ATOM 494 H HA   . GLU A 1 33 ? -8.269  -1.521  2.091   1.00 0.71 ? 33 GLU A HA   1 
ATOM 495 H HB2  . GLU A 1 33 ? -8.925  0.616   1.232   1.00 0.69 ? 33 GLU A HB2  1 
ATOM 496 H HB3  . GLU A 1 33 ? -9.391  -0.074  -0.322  1.00 0.48 ? 33 GLU A HB3  1 
ATOM 497 H HG2  . GLU A 1 33 ? -11.116 -1.446  1.020   1.00 0.79 ? 33 GLU A HG2  1 
ATOM 498 H HG3  . GLU A 1 33 ? -10.807 -0.309  2.331   1.00 0.92 ? 33 GLU A HG3  1 
ATOM 499 N N    . VAL A 1 34 ? -9.602  -3.596  1.559   1.00 0.83 ? 34 VAL A N    1 
ATOM 500 C CA   . VAL A 1 34 ? -10.317 -4.866  1.211   1.00 1.01 ? 34 VAL A CA   1 
ATOM 501 C C    . VAL A 1 34 ? -11.695 -4.520  0.634   1.00 1.02 ? 34 VAL A C    1 
ATOM 502 O O    . VAL A 1 34 ? -12.577 -4.058  1.335   1.00 1.75 ? 34 VAL A O    1 
ATOM 503 C CB   . VAL A 1 34 ? -10.441 -5.662  2.522   1.00 1.27 ? 34 VAL A CB   1 
ATOM 504 C CG1  . VAL A 1 34 ? -10.905 -7.086  2.210   1.00 1.56 ? 34 VAL A CG1  1 
ATOM 505 C CG2  . VAL A 1 34 ? -9.080  -5.730  3.229   1.00 1.23 ? 34 VAL A CG2  1 
ATOM 506 H H    . VAL A 1 34 ? -9.414  -3.380  2.496   1.00 0.87 ? 34 VAL A H    1 
ATOM 507 H HA   . VAL A 1 34 ? -9.742  -5.431  0.492   1.00 1.01 ? 34 VAL A HA   1 
ATOM 508 H HB   . VAL A 1 34 ? -11.162 -5.181  3.169   1.00 1.39 ? 34 VAL A HB   1 
ATOM 509 H HG11 . VAL A 1 34 ? -11.679 -7.057  1.458   1.00 1.88 ? 34 VAL A HG11 1 
ATOM 510 H HG12 . VAL A 1 34 ? -11.291 -7.544  3.108   1.00 1.99 ? 34 VAL A HG12 1 
ATOM 511 H HG13 . VAL A 1 34 ? -10.068 -7.663  1.844   1.00 1.90 ? 34 VAL A HG13 1 
ATOM 512 H HG21 . VAL A 1 34 ? -8.991  -6.671  3.752   1.00 1.71 ? 34 VAL A HG21 1 
ATOM 513 H HG22 . VAL A 1 34 ? -9.000  -4.918  3.937   1.00 1.61 ? 34 VAL A HG22 1 
ATOM 514 H HG23 . VAL A 1 34 ? -8.290  -5.649  2.498   1.00 1.46 ? 34 VAL A HG23 1 
ATOM 515 N N    . GLY A 1 35 ? -11.866 -4.718  -0.648  1.00 0.62 ? 35 GLY A N    1 
ATOM 516 C CA   . GLY A 1 35 ? -13.165 -4.383  -1.308  1.00 0.61 ? 35 GLY A CA   1 
ATOM 517 C C    . GLY A 1 35 ? -12.901 -3.762  -2.693  1.00 0.48 ? 35 GLY A C    1 
ATOM 518 O O    . GLY A 1 35 ? -13.790 -3.691  -3.521  1.00 0.49 ? 35 GLY A O    1 
ATOM 519 H H    . GLY A 1 35 ? -11.127 -5.076  -1.186  1.00 0.98 ? 35 GLY A H    1 
ATOM 520 H HA2  . GLY A 1 35 ? -13.752 -5.283  -1.422  1.00 0.68 ? 35 GLY A HA2  1 
ATOM 521 H HA3  . GLY A 1 35 ? -13.706 -3.675  -0.700  1.00 0.66 ? 35 GLY A HA3  1 
ATOM 522 N N    . TYR A 1 36 ? -11.687 -3.320  -2.952  1.00 0.41 ? 36 TYR A N    1 
ATOM 523 C CA   . TYR A 1 36 ? -11.365 -2.714  -4.284  1.00 0.35 ? 36 TYR A CA   1 
ATOM 524 C C    . TYR A 1 36 ? -11.161 -3.820  -5.324  1.00 0.44 ? 36 TYR A C    1 
ATOM 525 O O    . TYR A 1 36 ? -10.969 -4.971  -4.976  1.00 0.56 ? 36 TYR A O    1 
ATOM 526 C CB   . TYR A 1 36 ? -10.068 -1.930  -4.056  1.00 0.34 ? 36 TYR A CB   1 
ATOM 527 C CG   . TYR A 1 36 ? -10.386 -0.459  -3.984  1.00 0.32 ? 36 TYR A CG   1 
ATOM 528 C CD1  . TYR A 1 36 ? -10.715 0.134   -2.758  1.00 0.31 ? 36 TYR A CD1  1 
ATOM 529 C CD2  . TYR A 1 36 ? -10.362 0.309   -5.149  1.00 0.41 ? 36 TYR A CD2  1 
ATOM 530 C CE1  . TYR A 1 36 ? -11.023 1.497   -2.703  1.00 0.35 ? 36 TYR A CE1  1 
ATOM 531 C CE2  . TYR A 1 36 ? -10.672 1.670   -5.093  1.00 0.44 ? 36 TYR A CE2  1 
ATOM 532 C CZ   . TYR A 1 36 ? -11.004 2.264   -3.873  1.00 0.39 ? 36 TYR A CZ   1 
ATOM 533 O OH   . TYR A 1 36 ? -11.317 3.605   -3.824  1.00 0.46 ? 36 TYR A OH   1 
ATOM 534 H H    . TYR A 1 36 ? -10.984 -3.389  -2.272  1.00 0.44 ? 36 TYR A H    1 
ATOM 535 H HA   . TYR A 1 36 ? -12.151 -2.047  -4.595  1.00 0.35 ? 36 TYR A HA   1 
ATOM 536 H HB2  . TYR A 1 36 ? -9.611  -2.246  -3.128  1.00 0.35 ? 36 TYR A HB2  1 
ATOM 537 H HB3  . TYR A 1 36 ? -9.386  -2.111  -4.874  1.00 0.37 ? 36 TYR A HB3  1 
ATOM 538 H HD1  . TYR A 1 36 ? -10.728 -0.457  -1.855  1.00 0.36 ? 36 TYR A HD1  1 
ATOM 539 H HD2  . TYR A 1 36 ? -10.111 -0.151  -6.095  1.00 0.50 ? 36 TYR A HD2  1 
ATOM 540 H HE1  . TYR A 1 36 ? -11.278 1.955   -1.760  1.00 0.41 ? 36 TYR A HE1  1 
ATOM 541 H HE2  . TYR A 1 36 ? -10.648 2.262   -5.992  1.00 0.54 ? 36 TYR A HE2  1 
ATOM 542 H HH   . TYR A 1 36 ? -12.249 3.700   -4.035  1.00 0.87 ? 36 TYR A HH   1 
ATOM 543 N N    . THR A 1 37 ? -11.208 -3.493  -6.597  1.00 0.47 ? 37 THR A N    1 
ATOM 544 C CA   . THR A 1 37 ? -11.021 -4.568  -7.634  1.00 0.62 ? 37 THR A CA   1 
ATOM 545 C C    . THR A 1 37 ? -9.665  -4.421  -8.343  1.00 0.61 ? 37 THR A C    1 
ATOM 546 O O    . THR A 1 37 ? -9.550  -4.608  -9.540  1.00 0.77 ? 37 THR A O    1 
ATOM 547 C CB   . THR A 1 37 ? -12.198 -4.413  -8.609  1.00 0.72 ? 37 THR A CB   1 
ATOM 548 O OG1  . THR A 1 37 ? -12.069 -5.347  -9.671  1.00 0.99 ? 37 THR A OG1  1 
ATOM 549 C CG2  . THR A 1 37 ? -12.233 -2.994  -9.179  1.00 0.73 ? 37 THR A CG2  1 
ATOM 550 H H    . THR A 1 37 ? -11.367 -2.555  -6.869  1.00 0.44 ? 37 THR A H    1 
ATOM 551 H HA   . THR A 1 37 ? -11.077 -5.538  -7.162  1.00 0.71 ? 37 THR A HA   1 
ATOM 552 H HB   . THR A 1 37 ? -13.118 -4.603  -8.083  1.00 0.78 ? 37 THR A HB   1 
ATOM 553 H HG1  . THR A 1 37 ? -12.896 -5.828  -9.747  1.00 1.21 ? 37 THR A HG1  1 
ATOM 554 H HG21 . THR A 1 37 ? -13.035 -2.440  -8.715  1.00 1.18 ? 37 THR A HG21 1 
ATOM 555 H HG22 . THR A 1 37 ? -12.394 -3.037  -10.245 1.00 1.26 ? 37 THR A HG22 1 
ATOM 556 H HG23 . THR A 1 37 ? -11.294 -2.503  -8.974  1.00 1.26 ? 37 THR A HG23 1 
ATOM 557 N N    . GLY A 1 38 ? -8.634  -4.108  -7.602  1.00 0.69 ? 38 GLY A N    1 
ATOM 558 C CA   . GLY A 1 38 ? -7.280  -3.963  -8.211  1.00 0.71 ? 38 GLY A CA   1 
ATOM 559 C C    . GLY A 1 38 ? -6.215  -4.074  -7.116  1.00 0.70 ? 38 GLY A C    1 
ATOM 560 O O    . GLY A 1 38 ? -6.485  -3.840  -5.952  1.00 0.68 ? 38 GLY A O    1 
ATOM 561 H H    . GLY A 1 38 ? -8.748  -3.976  -6.636  1.00 0.88 ? 38 GLY A H    1 
ATOM 562 H HA2  . GLY A 1 38 ? -7.131  -4.745  -8.942  1.00 0.82 ? 38 GLY A HA2  1 
ATOM 563 H HA3  . GLY A 1 38 ? -7.202  -3.000  -8.693  1.00 0.68 ? 38 GLY A HA3  1 
ATOM 564 N N    . VAL A 1 39 ? -5.001  -4.417  -7.479  1.00 0.78 ? 39 VAL A N    1 
ATOM 565 C CA   . VAL A 1 39 ? -3.909  -4.530  -6.456  1.00 0.84 ? 39 VAL A CA   1 
ATOM 566 C C    . VAL A 1 39 ? -3.244  -3.155  -6.224  1.00 0.76 ? 39 VAL A C    1 
ATOM 567 O O    . VAL A 1 39 ? -2.107  -3.067  -5.797  1.00 0.86 ? 39 VAL A O    1 
ATOM 568 C CB   . VAL A 1 39 ? -2.916  -5.550  -7.044  1.00 1.00 ? 39 VAL A CB   1 
ATOM 569 C CG1  . VAL A 1 39 ? -2.094  -4.912  -8.172  1.00 1.32 ? 39 VAL A CG1  1 
ATOM 570 C CG2  . VAL A 1 39 ? -1.975  -6.042  -5.940  1.00 1.43 ? 39 VAL A CG2  1 
ATOM 571 H H    . VAL A 1 39 ? -4.805  -4.590  -8.425  1.00 0.83 ? 39 VAL A H    1 
ATOM 572 H HA   . VAL A 1 39 ? -4.311  -4.907  -5.528  1.00 0.91 ? 39 VAL A HA   1 
ATOM 573 H HB   . VAL A 1 39 ? -3.469  -6.390  -7.441  1.00 1.39 ? 39 VAL A HB   1 
ATOM 574 H HG11 . VAL A 1 39 ? -1.257  -4.377  -7.750  1.00 1.86 ? 39 VAL A HG11 1 
ATOM 575 H HG12 . VAL A 1 39 ? -2.717  -4.226  -8.729  1.00 1.73 ? 39 VAL A HG12 1 
ATOM 576 H HG13 . VAL A 1 39 ? -1.732  -5.685  -8.834  1.00 1.78 ? 39 VAL A HG13 1 
ATOM 577 H HG21 . VAL A 1 39 ? -1.196  -5.313  -5.779  1.00 1.86 ? 39 VAL A HG21 1 
ATOM 578 H HG22 . VAL A 1 39 ? -1.532  -6.982  -6.237  1.00 1.94 ? 39 VAL A HG22 1 
ATOM 579 H HG23 . VAL A 1 39 ? -2.534  -6.181  -5.026  1.00 1.92 ? 39 VAL A HG23 1 
ATOM 580 N N    . ARG A 1 40 ? -3.954  -2.087  -6.504  1.00 0.71 ? 40 ARG A N    1 
ATOM 581 C CA   . ARG A 1 40 ? -3.397  -0.715  -6.316  1.00 0.71 ? 40 ARG A CA   1 
ATOM 582 C C    . ARG A 1 40 ? -4.473  0.225   -5.713  1.00 0.67 ? 40 ARG A C    1 
ATOM 583 O O    . ARG A 1 40 ? -4.328  1.431   -5.733  1.00 1.02 ? 40 ARG A O    1 
ATOM 584 C CB   . ARG A 1 40 ? -2.996  -0.298  -7.738  1.00 0.71 ? 40 ARG A CB   1 
ATOM 585 C CG   . ARG A 1 40 ? -2.471  1.143   -7.754  1.00 0.83 ? 40 ARG A CG   1 
ATOM 586 C CD   . ARG A 1 40 ? -3.238  1.985   -8.786  1.00 0.95 ? 40 ARG A CD   1 
ATOM 587 N NE   . ARG A 1 40 ? -4.626  1.425   -8.843  1.00 0.78 ? 40 ARG A NE   1 
ATOM 588 C CZ   . ARG A 1 40 ? -5.163  1.117   -9.997  1.00 1.08 ? 40 ARG A CZ   1 
ATOM 589 N NH1  . ARG A 1 40 ? -5.195  2.000   -10.963 1.00 1.74 ? 40 ARG A NH1  1 
ATOM 590 N NH2  . ARG A 1 40 ? -5.668  -0.076  -10.185 1.00 1.70 ? 40 ARG A NH2  1 
ATOM 591 H H    . ARG A 1 40 ? -4.864  -2.186  -6.844  1.00 0.76 ? 40 ARG A H    1 
ATOM 592 H HA   . ARG A 1 40 ? -2.524  -0.739  -5.687  1.00 0.84 ? 40 ARG A HA   1 
ATOM 593 H HB2  . ARG A 1 40 ? -2.225  -0.959  -8.092  1.00 0.92 ? 40 ARG A HB2  1 
ATOM 594 H HB3  . ARG A 1 40 ? -3.850  -0.381  -8.386  1.00 0.76 ? 40 ARG A HB3  1 
ATOM 595 H HG2  . ARG A 1 40 ? -2.585  1.582   -6.777  1.00 1.04 ? 40 ARG A HG2  1 
ATOM 596 H HG3  . ARG A 1 40 ? -1.424  1.134   -8.016  1.00 1.02 ? 40 ARG A HG3  1 
ATOM 597 H HD2  . ARG A 1 40 ? -3.264  3.018   -8.472  1.00 1.33 ? 40 ARG A HD2  1 
ATOM 598 H HD3  . ARG A 1 40 ? -2.769  1.899   -9.750  1.00 1.20 ? 40 ARG A HD3  1 
ATOM 599 H HE   . ARG A 1 40 ? -5.131  1.274   -8.013  1.00 0.71 ? 40 ARG A HE   1 
ATOM 600 H HH11 . ARG A 1 40 ? -4.809  2.912   -10.822 1.00 2.30 ? 40 ARG A HH11 1 
ATOM 601 H HH12 . ARG A 1 40 ? -5.606  1.765   -11.844 1.00 2.05 ? 40 ARG A HH12 1 
ATOM 602 H HH21 . ARG A 1 40 ? -5.643  -0.753  -9.447  1.00 2.28 ? 40 ARG A HH21 1 
ATOM 603 H HH22 . ARG A 1 40 ? -6.079  -0.315  -11.065 1.00 1.97 ? 40 ARG A HH22 1 
ATOM 604 N N    . CYS A 1 41 ? -5.541  -0.338  -5.163  1.00 0.58 ? 41 CYS A N    1 
ATOM 605 C CA   . CYS A 1 41 ? -6.649  0.473   -4.537  1.00 0.55 ? 41 CYS A CA   1 
ATOM 606 C C    . CYS A 1 41 ? -6.861  1.826   -5.239  1.00 0.54 ? 41 CYS A C    1 
ATOM 607 O O    . CYS A 1 41 ? -6.377  2.854   -4.797  1.00 0.58 ? 41 CYS A O    1 
ATOM 608 C CB   . CYS A 1 41 ? -6.262  0.673   -3.058  1.00 0.71 ? 41 CYS A CB   1 
ATOM 609 S SG   . CYS A 1 41 ? -4.462  0.750   -2.857  1.00 1.05 ? 41 CYS A SG   1 
ATOM 610 H H    . CYS A 1 41 ? -5.616  -1.314  -5.154  1.00 0.81 ? 41 CYS A H    1 
ATOM 611 H HA   . CYS A 1 41 ? -7.567  -0.091  -4.579  1.00 0.52 ? 41 CYS A HA   1 
ATOM 612 H HB2  . CYS A 1 41 ? -6.696  1.594   -2.700  1.00 1.25 ? 41 CYS A HB2  1 
ATOM 613 H HB3  . CYS A 1 41 ? -6.652  -0.149  -2.477  1.00 0.73 ? 41 CYS A HB3  1 
ATOM 614 H HG   . CYS A 1 41 ? -4.238  1.628   -2.543  1.00 1.44 ? 41 CYS A HG   1 
ATOM 615 N N    . GLU A 1 42 ? -7.599  1.827   -6.322  1.00 0.55 ? 42 GLU A N    1 
ATOM 616 C CA   . GLU A 1 42 ? -7.873  3.105   -7.058  1.00 0.59 ? 42 GLU A CA   1 
ATOM 617 C C    . GLU A 1 42 ? -9.300  3.116   -7.633  1.00 0.57 ? 42 GLU A C    1 
ATOM 618 O O    . GLU A 1 42 ? -9.933  4.154   -7.689  1.00 0.65 ? 42 GLU A O    1 
ATOM 619 C CB   . GLU A 1 42 ? -6.842  3.161   -8.184  1.00 0.66 ? 42 GLU A CB   1 
ATOM 620 C CG   . GLU A 1 42 ? -6.953  4.501   -8.922  1.00 0.83 ? 42 GLU A CG   1 
ATOM 621 C CD   . GLU A 1 42 ? -7.388  4.261   -10.373 1.00 1.60 ? 42 GLU A CD   1 
ATOM 622 O OE1  . GLU A 1 42 ? -8.481  3.751   -10.571 1.00 2.36 ? 42 GLU A OE1  1 
ATOM 623 O OE2  . GLU A 1 42 ? -6.622  4.594   -11.262 1.00 2.14 ? 42 GLU A OE2  1 
ATOM 624 H H    . GLU A 1 42 ? -7.982  0.986   -6.643  1.00 0.58 ? 42 GLU A H    1 
ATOM 625 H HA   . GLU A 1 42 ? -7.737  3.948   -6.399  1.00 0.65 ? 42 GLU A HA   1 
ATOM 626 H HB2  . GLU A 1 42 ? -5.851  3.063   -7.766  1.00 0.71 ? 42 GLU A HB2  1 
ATOM 627 H HB3  . GLU A 1 42 ? -7.023  2.354   -8.878  1.00 0.69 ? 42 GLU A HB3  1 
ATOM 628 H HG2  . GLU A 1 42 ? -7.682  5.126   -8.426  1.00 1.17 ? 42 GLU A HG2  1 
ATOM 629 H HG3  . GLU A 1 42 ? -5.993  4.995   -8.914  1.00 1.17 ? 42 GLU A HG3  1 
ATOM 630 N N    . HIS A 1 43 ? -9.818  1.978   -8.052  1.00 0.52 ? 43 HIS A N    1 
ATOM 631 C CA   . HIS A 1 43 ? -11.207 1.954   -8.606  1.00 0.57 ? 43 HIS A CA   1 
ATOM 632 C C    . HIS A 1 43 ? -12.094 0.991   -7.796  1.00 0.55 ? 43 HIS A C    1 
ATOM 633 O O    . HIS A 1 43 ? -11.856 -0.214  -7.718  1.00 0.51 ? 43 HIS A O    1 
ATOM 634 C CB   . HIS A 1 43 ? -11.091 1.538   -10.087 1.00 0.67 ? 43 HIS A CB   1 
ATOM 635 C CG   . HIS A 1 43 ? -10.272 0.284   -10.253 1.00 0.76 ? 43 HIS A CG   1 
ATOM 636 N ND1  . HIS A 1 43 ? -10.835 -0.908  -10.667 1.00 0.79 ? 43 HIS A ND1  1 
ATOM 637 C CD2  . HIS A 1 43 ? -8.934  0.028   -10.085 1.00 1.72 ? 43 HIS A CD2  1 
ATOM 638 C CE1  . HIS A 1 43 ? -9.850  -1.821  -10.733 1.00 0.79 ? 43 HIS A CE1  1 
ATOM 639 N NE2  . HIS A 1 43 ? -8.670  -1.303  -10.389 1.00 1.69 ? 43 HIS A NE2  1 
ATOM 640 H H    . HIS A 1 43 ? -9.305  1.149   -7.990  1.00 0.48 ? 43 HIS A H    1 
ATOM 641 H HA   . HIS A 1 43 ? -11.623 2.946   -8.552  1.00 0.63 ? 43 HIS A HA   1 
ATOM 642 H HB2  . HIS A 1 43 ? -12.080 1.367   -10.484 1.00 0.92 ? 43 HIS A HB2  1 
ATOM 643 H HB3  . HIS A 1 43 ? -10.625 2.342   -10.641 1.00 0.79 ? 43 HIS A HB3  1 
ATOM 644 H HD1  . HIS A 1 43 ? -11.780 -1.060  -10.879 1.00 1.49 ? 43 HIS A HD1  1 
ATOM 645 H HD2  . HIS A 1 43 ? -8.201  0.752   -9.762  1.00 2.52 ? 43 HIS A HD2  1 
ATOM 646 H HE1  . HIS A 1 43 ? -10.003 -2.851  -11.014 1.00 0.78 ? 43 HIS A HE1  1 
ATOM 647 N N    . PHE A 1 44 ? -13.115 1.542   -7.178  1.00 0.64 ? 44 PHE A N    1 
ATOM 648 C CA   . PHE A 1 44 ? -14.055 0.733   -6.345  1.00 0.71 ? 44 PHE A CA   1 
ATOM 649 C C    . PHE A 1 44 ? -15.063 0.016   -7.251  1.00 0.81 ? 44 PHE A C    1 
ATOM 650 O O    . PHE A 1 44 ? -15.968 0.623   -7.794  1.00 0.98 ? 44 PHE A O    1 
ATOM 651 C CB   . PHE A 1 44 ? -14.753 1.768   -5.447  1.00 0.81 ? 44 PHE A CB   1 
ATOM 652 C CG   . PHE A 1 44 ? -15.535 1.088   -4.343  1.00 0.95 ? 44 PHE A CG   1 
ATOM 653 C CD1  . PHE A 1 44 ? -14.893 0.235   -3.438  1.00 0.99 ? 44 PHE A CD1  1 
ATOM 654 C CD2  . PHE A 1 44 ? -16.908 1.330   -4.217  1.00 1.21 ? 44 PHE A CD2  1 
ATOM 655 C CE1  . PHE A 1 44 ? -15.620 -0.377  -2.410  1.00 1.14 ? 44 PHE A CE1  1 
ATOM 656 C CE2  . PHE A 1 44 ? -17.637 0.717   -3.191  1.00 1.40 ? 44 PHE A CE2  1 
ATOM 657 C CZ   . PHE A 1 44 ? -16.994 -0.136  -2.288  1.00 1.32 ? 44 PHE A CZ   1 
ATOM 658 H H    . PHE A 1 44 ? -13.259 2.509   -7.260  1.00 0.71 ? 44 PHE A H    1 
ATOM 659 H HA   . PHE A 1 44 ? -13.512 0.022   -5.742  1.00 0.68 ? 44 PHE A HA   1 
ATOM 660 H HB2  . PHE A 1 44 ? -14.009 2.413   -5.007  1.00 0.79 ? 44 PHE A HB2  1 
ATOM 661 H HB3  . PHE A 1 44 ? -15.426 2.361   -6.048  1.00 0.88 ? 44 PHE A HB3  1 
ATOM 662 H HD1  . PHE A 1 44 ? -13.837 0.048   -3.532  1.00 1.02 ? 44 PHE A HD1  1 
ATOM 663 H HD2  . PHE A 1 44 ? -17.407 1.987   -4.913  1.00 1.32 ? 44 PHE A HD2  1 
ATOM 664 H HE1  . PHE A 1 44 ? -15.123 -1.034  -1.713  1.00 1.22 ? 44 PHE A HE1  1 
ATOM 665 H HE2  . PHE A 1 44 ? -18.697 0.903   -3.096  1.00 1.67 ? 44 PHE A HE2  1 
ATOM 666 H HZ   . PHE A 1 44 ? -17.555 -0.606  -1.495  1.00 1.48 ? 44 PHE A HZ   1 
ATOM 667 N N    . PHE A 1 45 ? -14.903 -1.272  -7.417  1.00 0.80 ? 45 PHE A N    1 
ATOM 668 C CA   . PHE A 1 45 ? -15.839 -2.051  -8.291  1.00 0.92 ? 45 PHE A CA   1 
ATOM 669 C C    . PHE A 1 45 ? -17.245 -2.104  -7.661  1.00 1.04 ? 45 PHE A C    1 
ATOM 670 O O    . PHE A 1 45 ? -18.238 -2.205  -8.357  1.00 1.18 ? 45 PHE A O    1 
ATOM 671 C CB   . PHE A 1 45 ? -15.186 -3.443  -8.404  1.00 0.98 ? 45 PHE A CB   1 
ATOM 672 C CG   . PHE A 1 45 ? -16.091 -4.546  -7.891  1.00 1.26 ? 45 PHE A CG   1 
ATOM 673 C CD1  . PHE A 1 45 ? -17.175 -4.987  -8.659  1.00 1.55 ? 45 PHE A CD1  1 
ATOM 674 C CD2  . PHE A 1 45 ? -15.830 -5.130  -6.648  1.00 1.34 ? 45 PHE A CD2  1 
ATOM 675 C CE1  . PHE A 1 45 ? -18.000 -6.012  -8.179  1.00 1.86 ? 45 PHE A CE1  1 
ATOM 676 C CE2  . PHE A 1 45 ? -16.653 -6.155  -6.168  1.00 1.66 ? 45 PHE A CE2  1 
ATOM 677 C CZ   . PHE A 1 45 ? -17.739 -6.596  -6.934  1.00 1.90 ? 45 PHE A CZ   1 
ATOM 678 H H    . PHE A 1 45 ? -14.161 -1.730  -6.969  1.00 0.79 ? 45 PHE A H    1 
ATOM 679 H HA   . PHE A 1 45 ? -15.888 -1.596  -9.269  1.00 0.96 ? 45 PHE A HA   1 
ATOM 680 H HB2  . PHE A 1 45 ? -14.948 -3.639  -9.439  1.00 1.03 ? 45 PHE A HB2  1 
ATOM 681 H HB3  . PHE A 1 45 ? -14.272 -3.443  -7.827  1.00 0.89 ? 45 PHE A HB3  1 
ATOM 682 H HD1  . PHE A 1 45 ? -17.377 -4.538  -9.620  1.00 1.60 ? 45 PHE A HD1  1 
ATOM 683 H HD2  . PHE A 1 45 ? -14.991 -4.787  -6.058  1.00 1.23 ? 45 PHE A HD2  1 
ATOM 684 H HE1  . PHE A 1 45 ? -18.839 -6.351  -8.770  1.00 2.12 ? 45 PHE A HE1  1 
ATOM 685 H HE2  . PHE A 1 45 ? -16.450 -6.606  -5.209  1.00 1.77 ? 45 PHE A HE2  1 
ATOM 686 H HZ   . PHE A 1 45 ? -18.374 -7.387  -6.564  1.00 2.16 ? 45 PHE A HZ   1 
ATOM 687 N N    . LEU A 1 46 ? -17.330 -2.032  -6.352  1.00 1.07 ? 46 LEU A N    1 
ATOM 688 C CA   . LEU A 1 46 ? -18.667 -2.074  -5.671  1.00 1.24 ? 46 LEU A CA   1 
ATOM 689 C C    . LEU A 1 46 ? -19.367 -0.704  -5.735  1.00 1.30 ? 46 LEU A C    1 
ATOM 690 O O    . LEU A 1 46 ? -18.827 0.200   -6.356  1.00 1.75 ? 46 LEU A O    1 
ATOM 691 C CB   . LEU A 1 46 ? -18.363 -2.453  -4.216  1.00 1.28 ? 46 LEU A CB   1 
ATOM 692 C CG   . LEU A 1 46 ? -17.999 -3.936  -4.136  1.00 1.32 ? 46 LEU A CG   1 
ATOM 693 C CD1  . LEU A 1 46 ? -16.898 -4.140  -3.092  1.00 1.50 ? 46 LEU A CD1  1 
ATOM 694 C CD2  . LEU A 1 46 ? -19.237 -4.747  -3.741  1.00 1.69 ? 46 LEU A CD2  1 
ATOM 695 O OXT  . LEU A 1 46 ? -20.440 -0.585  -5.165  1.00 1.67 ? 46 LEU A OXT  1 
ATOM 696 H H    . LEU A 1 46 ? -16.513 -1.947  -5.815  1.00 1.06 ? 46 LEU A H    1 
ATOM 697 H HA   . LEU A 1 46 ? -19.289 -2.833  -6.121  1.00 1.34 ? 46 LEU A HA   1 
ATOM 698 H HB2  . LEU A 1 46 ? -17.538 -1.859  -3.854  1.00 1.20 ? 46 LEU A HB2  1 
ATOM 699 H HB3  . LEU A 1 46 ? -19.232 -2.265  -3.606  1.00 1.43 ? 46 LEU A HB3  1 
ATOM 700 H HG   . LEU A 1 46 ? -17.642 -4.269  -5.099  1.00 1.24 ? 46 LEU A HG   1 
ATOM 701 H HD11 . LEU A 1 46 ? -17.341 -4.210  -2.110  1.00 1.81 ? 46 LEU A HD11 1 
ATOM 702 H HD12 . LEU A 1 46 ? -16.215 -3.303  -3.121  1.00 1.92 ? 46 LEU A HD12 1 
ATOM 703 H HD13 . LEU A 1 46 ? -16.360 -5.050  -3.310  1.00 1.89 ? 46 LEU A HD13 1 
ATOM 704 H HD21 . LEU A 1 46 ? -18.940 -5.748  -3.468  1.00 2.00 ? 46 LEU A HD21 1 
ATOM 705 H HD22 . LEU A 1 46 ? -19.920 -4.790  -4.577  1.00 2.16 ? 46 LEU A HD22 1 
ATOM 706 H HD23 . LEU A 1 46 ? -19.724 -4.274  -2.901  1.00 2.06 ? 46 LEU A HD23 1 
# 
